data_2F7P
#
_entry.id   2F7P
#
_cell.length_a   68.954
_cell.length_b   109.874
_cell.length_c   139.035
_cell.angle_alpha   90.00
_cell.angle_beta   90.00
_cell.angle_gamma   90.00
#
_symmetry.space_group_name_H-M   'P 21 21 21'
#
loop_
_entity.id
_entity.type
_entity.pdbx_description
1 polymer 'alpha-mannosidase II'
2 non-polymer 2-acetamido-2-deoxy-beta-D-glucopyranose
3 non-polymer 'ZINC ION'
4 non-polymer (1R,2R,3R,4S,5R)-4-(BENZYLAMINO)-5-(METHYLTHIO)CYCLOPENTANE-1,2,3-TRIOL
5 non-polymer (4S)-2-METHYL-2,4-PENTANEDIOL
6 water water
#
_entity_poly.entity_id   1
_entity_poly.type   'polypeptide(L)'
_entity_poly.pdbx_seq_one_letter_code
;RSSHHHHHHGEFDDPIRPPLKVARSPRPGQCQDVVQDVPNVDVQMLELYDRMSFKDIDGGVWKQGWNIKYDPLKYNAHHK
LKVFVVPHSHNDPGWIQTFEEYYQHDTKHILSNALRHLHDNPEMKFIWAEISYFARFYHDLGENKKLQMKSIVKNGQLEF
VTGGWVMPDEANSHWRNVLLQLTEGQTWLKQFMNVTPTASWAIDPFGHSPTMPYILQKSGFKNMLIQRTHYSVKKELAQQ
RQLEFLWRQIWDNKGDTALFTHMMPFYSYDIPHTCGPDPKVCCQFDFKRMGSFGLSCPWKVPPRTISDQNVAARSDLLVD
QWKKKAELYRTNVLLIPLGDDFRFKQNTEWDVQRVNYERLFEHINSQAHFNVQAQFGTLQEYFDAVHQAERAGQAEFPTL
SGDFFTYADRSDNYWSGYYTSRPYHKRMDRVLMHYVRAAEMLSAWHSWDGMARIEERLEQARRELSLFQHHDGITGTAKT
HVVVDYEQRMQEALKACQMVMQQSVYRLLTKPSIYSPDFSFSYFTLDDSRWPGSGVEDSRTTIILGEDILPSKHVVMHNT
LPHWREQLVDFYVSSPFVSVTDLANNPVEAQVSPVWSWHHDTLTKTIHPQGSTTKYRIIFKARVPPMGLATYVLTISDSK
PEHTSYASNLLLRKNPTSLPLGQYPEDVKFGDPREISLRVGNGPTLAFSEQGLLKSIQLTQDSPHVPVHFKFLKYGVRSH
GDRSGAYLFLPNGPASPVELGQPVVLVTKGKLESSVSVGLPSVVHQTIMRGGAPEIRNLVDIGSLDNTEIVMRLETHIDS
GDIFYTDLNGLQFIKRRRLDKLPLQANYYPIPSGMFIEDANTRLTLLTGQPLGGSSLASGELEIMQDRRLASDDERGLGQ
GVLDNKPVLHIYRLVLEKVNNCVRPSKLHPAGYLTSAAHKASQSLLDPLDKFIFAENEWIGAQGQFGGDHPSAREDLDVS
VMRRLTKSSAKTQRVGYVLHRTNLMQCGTPEEHTQKLDVCHLLPNVARCERTTLTFLQNLEHLDGMVAPEVCPMETAAYV
SSHSS
;
_entity_poly.pdbx_strand_id   A
#
# COMPACT_ATOMS: atom_id res chain seq x y z
N CYS A 31 12.87 -22.92 -12.09
CA CYS A 31 11.79 -21.92 -11.80
C CYS A 31 10.45 -22.37 -12.34
N GLN A 32 9.40 -22.18 -11.56
CA GLN A 32 8.02 -22.50 -11.98
C GLN A 32 7.63 -21.49 -13.07
N ASP A 33 6.85 -21.96 -14.02
CA ASP A 33 6.32 -21.13 -15.10
C ASP A 33 5.07 -20.47 -14.50
N VAL A 34 5.05 -19.16 -14.43
CA VAL A 34 3.92 -18.44 -13.83
C VAL A 34 2.87 -17.96 -14.85
N VAL A 35 3.09 -18.34 -16.12
CA VAL A 35 2.19 -17.94 -17.19
C VAL A 35 1.31 -19.02 -17.83
N GLN A 36 1.95 -20.15 -18.12
CA GLN A 36 1.35 -21.21 -18.94
C GLN A 36 0.67 -22.37 -18.28
N ASP A 37 0.81 -22.50 -16.96
CA ASP A 37 0.22 -23.62 -16.22
C ASP A 37 -0.88 -23.11 -15.27
N VAL A 38 -2.14 -23.35 -15.58
CA VAL A 38 -3.22 -22.90 -14.70
C VAL A 38 -3.27 -23.80 -13.44
N PRO A 39 -3.12 -23.21 -12.25
CA PRO A 39 -3.14 -24.06 -11.04
C PRO A 39 -4.44 -24.74 -10.82
N ASN A 40 -4.36 -25.96 -10.31
CA ASN A 40 -5.57 -26.69 -9.98
C ASN A 40 -5.82 -26.53 -8.46
N VAL A 41 -6.85 -25.74 -8.12
CA VAL A 41 -7.14 -25.49 -6.68
C VAL A 41 -8.59 -25.85 -6.45
N ASP A 42 -8.94 -26.14 -5.20
CA ASP A 42 -10.32 -26.46 -4.88
C ASP A 42 -11.24 -25.27 -4.98
N VAL A 43 -10.72 -24.10 -4.60
CA VAL A 43 -11.51 -22.86 -4.61
C VAL A 43 -10.69 -21.79 -5.31
N GLN A 44 -11.19 -21.26 -6.41
CA GLN A 44 -10.50 -20.17 -7.14
C GLN A 44 -11.52 -19.04 -7.06
N MET A 45 -11.16 -17.93 -6.41
CA MET A 45 -12.17 -16.92 -6.10
C MET A 45 -12.88 -16.27 -7.29
N LEU A 46 -12.17 -16.12 -8.40
CA LEU A 46 -12.86 -15.53 -9.57
C LEU A 46 -13.93 -16.51 -10.12
N GLU A 47 -13.60 -17.79 -10.11
CA GLU A 47 -14.55 -18.81 -10.57
C GLU A 47 -15.68 -18.88 -9.58
N LEU A 48 -15.39 -18.82 -8.28
CA LEU A 48 -16.47 -18.83 -7.29
C LEU A 48 -17.42 -17.68 -7.48
N TYR A 49 -16.85 -16.46 -7.67
CA TYR A 49 -17.65 -15.26 -7.92
C TYR A 49 -18.56 -15.44 -9.17
N ASP A 50 -18.06 -16.11 -10.20
CA ASP A 50 -18.87 -16.26 -11.42
C ASP A 50 -20.08 -17.15 -11.13
N ARG A 51 -19.93 -18.15 -10.27
CA ARG A 51 -21.03 -19.09 -9.95
C ARG A 51 -22.01 -18.65 -8.84
N MET A 52 -21.52 -17.90 -7.86
CA MET A 52 -22.33 -17.42 -6.75
CA MET A 52 -22.45 -17.51 -6.70
C MET A 52 -23.47 -16.50 -7.11
N SER A 53 -24.59 -16.61 -6.38
N SER A 53 -24.68 -16.57 -6.40
CA SER A 53 -25.74 -15.76 -6.63
CA SER A 53 -25.77 -15.62 -6.71
C SER A 53 -25.83 -14.48 -5.79
N PHE A 54 -25.11 -14.48 -4.67
CA PHE A 54 -25.04 -13.36 -3.76
C PHE A 54 -26.37 -12.90 -3.22
N LYS A 55 -27.33 -13.83 -3.06
CA LYS A 55 -28.62 -13.37 -2.54
C LYS A 55 -28.52 -13.07 -1.06
N ASP A 56 -29.10 -11.96 -0.65
CA ASP A 56 -29.07 -11.51 0.72
C ASP A 56 -30.37 -11.93 1.45
N ILE A 57 -30.48 -13.20 1.80
CA ILE A 57 -31.69 -13.62 2.46
C ILE A 57 -31.49 -13.73 3.95
N ASP A 58 -32.58 -13.57 4.67
CA ASP A 58 -32.60 -13.62 6.11
C ASP A 58 -32.40 -15.07 6.52
N GLY A 59 -31.24 -15.39 7.11
CA GLY A 59 -30.99 -16.77 7.52
C GLY A 59 -31.46 -17.13 8.93
N GLY A 60 -32.14 -16.22 9.61
CA GLY A 60 -32.57 -16.48 10.97
C GLY A 60 -31.64 -15.75 11.98
N VAL A 61 -31.39 -16.34 13.14
CA VAL A 61 -30.53 -15.69 14.12
C VAL A 61 -29.13 -15.45 13.50
N TRP A 62 -28.66 -16.37 12.69
CA TRP A 62 -27.39 -16.11 11.95
C TRP A 62 -27.98 -15.42 10.71
N LYS A 63 -28.01 -14.09 10.72
CA LYS A 63 -28.71 -13.36 9.66
C LYS A 63 -28.27 -13.61 8.25
N GLN A 64 -26.97 -13.87 8.08
CA GLN A 64 -26.43 -14.08 6.76
C GLN A 64 -26.01 -15.50 6.49
N GLY A 65 -26.50 -16.42 7.35
CA GLY A 65 -26.22 -17.83 7.20
C GLY A 65 -27.51 -18.67 7.13
N TRP A 66 -27.58 -19.68 7.99
CA TRP A 66 -28.76 -20.59 8.04
C TRP A 66 -28.78 -21.14 9.45
N ASN A 67 -29.85 -21.86 9.81
CA ASN A 67 -30.02 -22.45 11.15
C ASN A 67 -29.13 -23.70 11.20
N ILE A 68 -27.99 -23.63 11.86
CA ILE A 68 -27.06 -24.72 11.92
C ILE A 68 -27.61 -25.87 12.80
N LYS A 69 -27.45 -27.07 12.27
CA LYS A 69 -27.89 -28.27 13.02
C LYS A 69 -26.67 -29.14 13.20
N TYR A 70 -26.63 -29.86 14.31
CA TYR A 70 -25.53 -30.79 14.54
C TYR A 70 -26.09 -32.07 15.20
N ASP A 71 -25.33 -33.14 15.07
CA ASP A 71 -25.69 -34.42 15.64
C ASP A 71 -25.07 -34.48 17.03
N PRO A 72 -25.89 -34.48 18.10
CA PRO A 72 -25.34 -34.53 19.45
C PRO A 72 -24.38 -35.69 19.67
N LEU A 73 -24.53 -36.74 18.91
CA LEU A 73 -23.66 -37.89 19.03
C LEU A 73 -22.29 -37.78 18.36
N LYS A 74 -22.02 -36.65 17.68
CA LYS A 74 -20.74 -36.49 17.02
C LYS A 74 -19.55 -36.50 17.99
N TYR A 75 -19.71 -35.86 19.15
CA TYR A 75 -18.62 -35.87 20.13
CA TYR A 75 -18.70 -35.96 20.15
C TYR A 75 -19.03 -36.83 21.27
C TYR A 75 -19.08 -36.99 21.21
N ASN A 76 -18.08 -37.62 21.78
CA ASN A 76 -18.32 -38.62 22.83
C ASN A 76 -17.03 -38.73 23.63
N ALA A 77 -16.95 -39.67 24.59
CA ALA A 77 -15.74 -39.75 25.41
C ALA A 77 -14.45 -39.98 24.65
N HIS A 78 -14.53 -40.58 23.49
CA HIS A 78 -13.34 -40.86 22.71
C HIS A 78 -13.03 -39.80 21.67
N HIS A 79 -13.91 -38.80 21.57
CA HIS A 79 -13.75 -37.75 20.57
C HIS A 79 -14.43 -36.50 21.11
N LYS A 80 -13.66 -35.76 21.90
CA LYS A 80 -14.22 -34.56 22.52
C LYS A 80 -13.96 -33.29 21.67
N LEU A 81 -14.80 -32.29 21.86
CA LEU A 81 -14.61 -30.98 21.21
C LEU A 81 -13.67 -30.17 22.11
N LYS A 82 -12.50 -29.79 21.59
CA LYS A 82 -11.52 -29.02 22.34
C LYS A 82 -11.77 -27.57 21.98
N VAL A 83 -12.05 -26.73 22.97
CA VAL A 83 -12.40 -25.33 22.72
C VAL A 83 -11.34 -24.41 23.31
N PHE A 84 -10.79 -23.51 22.48
CA PHE A 84 -9.82 -22.53 22.95
C PHE A 84 -10.47 -21.15 22.92
N VAL A 85 -10.66 -20.58 24.10
CA VAL A 85 -11.18 -19.22 24.27
C VAL A 85 -9.94 -18.31 24.33
N VAL A 86 -9.86 -17.39 23.36
CA VAL A 86 -8.65 -16.59 23.17
C VAL A 86 -8.93 -15.13 23.44
N PRO A 87 -8.56 -14.64 24.63
CA PRO A 87 -8.81 -13.22 24.97
C PRO A 87 -7.95 -12.29 24.11
N HIS A 88 -8.56 -11.17 23.71
CA HIS A 88 -7.83 -10.20 22.82
C HIS A 88 -8.41 -8.81 23.00
N SER A 89 -7.67 -7.83 22.50
CA SER A 89 -8.07 -6.42 22.61
C SER A 89 -7.59 -5.73 21.34
N HIS A 90 -8.51 -5.26 20.51
CA HIS A 90 -8.10 -4.64 19.24
C HIS A 90 -7.75 -3.16 19.50
N ASN A 91 -6.48 -2.81 19.26
CA ASN A 91 -5.99 -1.45 19.59
C ASN A 91 -5.51 -0.71 18.35
N ASP A 92 -6.35 0.15 17.84
CA ASP A 92 -6.03 0.91 16.63
C ASP A 92 -4.96 1.98 16.88
N PRO A 93 -3.85 1.98 16.14
CA PRO A 93 -2.79 3.02 16.29
C PRO A 93 -3.29 4.28 15.54
N GLY A 94 -4.37 4.87 16.05
CA GLY A 94 -5.04 6.03 15.44
C GLY A 94 -6.33 5.61 14.77
N TRP A 95 -7.41 6.35 15.05
CA TRP A 95 -8.70 6.16 14.39
C TRP A 95 -9.58 7.37 14.81
N ILE A 96 -10.26 7.27 15.95
CA ILE A 96 -11.08 8.38 16.49
C ILE A 96 -10.19 9.25 17.35
N GLN A 97 -9.12 8.71 17.88
CA GLN A 97 -8.09 9.45 18.64
C GLN A 97 -6.75 9.21 17.97
N THR A 98 -5.76 10.03 18.26
CA THR A 98 -4.42 9.81 17.71
C THR A 98 -3.79 8.63 18.45
N PHE A 99 -2.70 8.11 17.90
CA PHE A 99 -1.91 7.09 18.55
C PHE A 99 -1.59 7.49 20.02
N GLU A 100 -1.07 8.69 20.22
CA GLU A 100 -0.69 9.07 21.57
C GLU A 100 -1.88 9.25 22.49
N GLU A 101 -2.98 9.77 21.96
CA GLU A 101 -4.18 9.94 22.78
C GLU A 101 -4.71 8.57 23.23
N TYR A 102 -4.82 7.63 22.29
CA TYR A 102 -5.28 6.28 22.70
C TYR A 102 -4.27 5.67 23.67
N TYR A 103 -2.99 5.86 23.43
CA TYR A 103 -2.02 5.24 24.32
C TYR A 103 -2.23 5.75 25.76
N GLN A 104 -2.40 7.07 25.92
CA GLN A 104 -2.57 7.65 27.27
C GLN A 104 -3.90 7.31 27.88
N HIS A 105 -4.96 7.26 27.10
CA HIS A 105 -6.30 7.04 27.66
C HIS A 105 -6.69 5.60 27.81
N ASP A 106 -6.15 4.75 26.94
CA ASP A 106 -6.57 3.37 26.90
C ASP A 106 -5.51 2.33 26.90
N THR A 107 -4.63 2.34 25.91
CA THR A 107 -3.69 1.22 25.72
C THR A 107 -2.69 1.02 26.83
N LYS A 108 -2.20 2.12 27.41
CA LYS A 108 -1.24 1.88 28.49
C LYS A 108 -1.89 1.18 29.69
N HIS A 109 -3.16 1.47 29.92
CA HIS A 109 -3.90 0.81 31.00
C HIS A 109 -4.19 -0.64 30.68
N ILE A 110 -4.57 -0.90 29.42
CA ILE A 110 -4.82 -2.29 28.97
C ILE A 110 -3.54 -3.12 29.16
N LEU A 111 -2.38 -2.63 28.74
CA LEU A 111 -1.17 -3.41 28.88
C LEU A 111 -0.71 -3.53 30.34
N SER A 112 -0.80 -2.45 31.09
N SER A 112 -0.93 -2.46 31.10
CA SER A 112 -0.39 -2.53 32.50
CA SER A 112 -0.59 -2.46 32.54
C SER A 112 -1.28 -3.52 33.26
C SER A 112 -1.44 -3.51 33.26
N ASN A 113 -2.57 -3.51 32.97
N ASN A 113 -2.73 -3.53 32.98
CA ASN A 113 -3.44 -4.42 33.67
CA ASN A 113 -3.57 -4.50 33.64
C ASN A 113 -3.33 -5.84 33.12
N ALA A 114 -3.01 -6.02 31.83
CA ALA A 114 -2.77 -7.37 31.31
C ALA A 114 -1.53 -7.93 32.04
N LEU A 115 -0.50 -7.12 32.23
CA LEU A 115 0.69 -7.60 32.90
C LEU A 115 0.35 -8.07 34.33
N ARG A 116 -0.42 -7.25 35.04
CA ARG A 116 -0.76 -7.63 36.40
C ARG A 116 -1.67 -8.86 36.44
N HIS A 117 -2.72 -8.89 35.63
CA HIS A 117 -3.65 -10.00 35.69
C HIS A 117 -3.14 -11.33 35.18
C HIS A 117 -3.02 -11.28 35.28
N LEU A 118 -2.27 -11.30 34.17
CA LEU A 118 -1.65 -12.52 33.70
C LEU A 118 -0.61 -12.98 34.73
N HIS A 119 0.17 -12.05 35.27
CA HIS A 119 1.14 -12.43 36.32
C HIS A 119 0.42 -13.16 37.47
N ASP A 120 -0.70 -12.61 37.91
CA ASP A 120 -1.41 -13.18 39.06
C ASP A 120 -2.32 -14.39 38.81
N ASN A 121 -2.64 -14.71 37.56
CA ASN A 121 -3.57 -15.80 37.19
C ASN A 121 -2.87 -16.59 36.12
N PRO A 122 -2.10 -17.59 36.52
CA PRO A 122 -1.32 -18.39 35.59
C PRO A 122 -1.97 -19.07 34.42
N GLU A 123 -3.27 -19.39 34.53
CA GLU A 123 -3.99 -20.03 33.43
C GLU A 123 -4.65 -19.03 32.45
N MET A 124 -4.67 -17.74 32.78
CA MET A 124 -5.27 -16.75 31.89
C MET A 124 -4.26 -16.52 30.74
N LYS A 125 -4.83 -16.19 29.56
CA LYS A 125 -4.03 -15.98 28.35
C LYS A 125 -4.50 -14.70 27.67
N PHE A 126 -3.66 -14.19 26.74
CA PHE A 126 -4.00 -12.93 26.02
C PHE A 126 -3.10 -12.87 24.78
N ILE A 127 -3.66 -12.37 23.69
CA ILE A 127 -2.83 -12.20 22.48
C ILE A 127 -2.75 -10.71 22.17
N TRP A 128 -1.64 -10.31 21.54
CA TRP A 128 -1.38 -8.90 21.23
C TRP A 128 -0.81 -8.80 19.81
N ALA A 129 -1.38 -7.88 19.04
CA ALA A 129 -0.98 -7.68 17.65
C ALA A 129 -0.13 -6.46 17.30
N GLU A 130 -0.43 -5.32 17.90
CA GLU A 130 0.16 -4.01 17.42
C GLU A 130 1.42 -3.65 18.17
N ILE A 131 2.57 -3.87 17.54
CA ILE A 131 3.84 -3.66 18.24
C ILE A 131 4.15 -2.22 18.43
N SER A 132 3.66 -1.32 17.62
CA SER A 132 3.88 0.11 17.85
C SER A 132 3.47 0.49 19.29
N TYR A 133 2.30 0.02 19.72
CA TYR A 133 1.89 0.28 21.09
C TYR A 133 2.71 -0.50 22.10
N PHE A 134 2.99 -1.75 21.82
CA PHE A 134 3.71 -2.54 22.80
C PHE A 134 5.09 -1.96 23.06
N ALA A 135 5.79 -1.53 22.00
CA ALA A 135 7.12 -0.93 22.16
C ALA A 135 7.00 0.38 22.96
N ARG A 136 6.01 1.19 22.70
CA ARG A 136 5.79 2.47 23.41
C ARG A 136 5.60 2.20 24.90
N PHE A 137 4.89 1.12 25.24
CA PHE A 137 4.63 0.73 26.62
C PHE A 137 5.86 0.17 27.29
N TYR A 138 6.46 -0.83 26.67
CA TYR A 138 7.60 -1.55 27.24
C TYR A 138 8.76 -0.62 27.58
N HIS A 139 9.07 0.32 26.71
CA HIS A 139 10.20 1.19 26.97
C HIS A 139 9.92 2.10 28.16
N ASP A 140 8.66 2.32 28.50
CA ASP A 140 8.33 3.18 29.67
C ASP A 140 8.28 2.41 31.00
N LEU A 141 8.33 1.10 30.92
CA LEU A 141 8.31 0.26 32.12
C LEU A 141 9.62 0.25 32.88
N GLY A 142 9.51 0.15 34.21
CA GLY A 142 10.69 -0.02 35.04
C GLY A 142 11.23 -1.42 34.79
N GLU A 143 12.49 -1.62 35.12
CA GLU A 143 13.14 -2.90 34.91
C GLU A 143 12.43 -4.08 35.58
N ASN A 144 11.90 -3.93 36.79
CA ASN A 144 11.21 -5.03 37.46
C ASN A 144 10.01 -5.48 36.61
N LYS A 145 9.25 -4.53 36.09
CA LYS A 145 8.10 -4.84 35.26
C LYS A 145 8.52 -5.39 33.88
N LYS A 146 9.62 -4.89 33.30
CA LYS A 146 10.11 -5.42 32.02
C LYS A 146 10.38 -6.92 32.22
N LEU A 147 11.00 -7.29 33.35
CA LEU A 147 11.30 -8.69 33.63
C LEU A 147 10.00 -9.49 33.82
N GLN A 148 9.00 -8.95 34.52
CA GLN A 148 7.75 -9.67 34.67
C GLN A 148 7.09 -9.90 33.28
N MET A 149 7.17 -8.89 32.41
CA MET A 149 6.58 -8.98 31.08
C MET A 149 7.30 -10.04 30.27
N LYS A 150 8.63 -10.05 30.31
CA LYS A 150 9.35 -11.05 29.55
C LYS A 150 8.97 -12.44 30.05
N SER A 151 8.72 -12.61 31.35
CA SER A 151 8.37 -13.91 31.90
C SER A 151 6.99 -14.42 31.43
N ILE A 152 5.98 -13.54 31.36
CA ILE A 152 4.66 -13.98 30.89
C ILE A 152 4.65 -14.24 29.37
N VAL A 153 5.60 -13.66 28.64
CA VAL A 153 5.76 -13.98 27.19
C VAL A 153 6.50 -15.31 27.07
N LYS A 154 7.62 -15.44 27.79
CA LYS A 154 8.40 -16.68 27.69
C LYS A 154 7.59 -17.93 28.11
N ASN A 155 6.70 -17.80 29.11
CA ASN A 155 5.88 -18.94 29.62
CA ASN A 155 5.98 -18.90 29.56
C ASN A 155 4.61 -19.18 28.78
C ASN A 155 4.59 -19.06 28.90
N GLY A 156 4.38 -18.34 27.78
CA GLY A 156 3.19 -18.53 26.95
C GLY A 156 1.86 -17.96 27.32
N GLN A 157 1.79 -17.11 28.35
CA GLN A 157 0.52 -16.52 28.69
C GLN A 157 0.13 -15.35 27.77
N LEU A 158 1.13 -14.51 27.45
CA LEU A 158 0.92 -13.41 26.54
C LEU A 158 1.64 -13.85 25.26
C LEU A 158 1.65 -13.73 25.25
N GLU A 159 0.89 -13.83 24.17
CA GLU A 159 1.44 -14.25 22.87
C GLU A 159 1.23 -13.17 21.83
N PHE A 160 2.31 -12.85 21.13
CA PHE A 160 2.23 -11.88 20.04
C PHE A 160 1.74 -12.61 18.78
N VAL A 161 0.80 -11.98 18.12
CA VAL A 161 0.22 -12.49 16.87
C VAL A 161 0.57 -11.46 15.77
N THR A 162 1.11 -12.02 14.69
CA THR A 162 1.67 -11.28 13.53
C THR A 162 2.97 -10.58 13.96
N GLY A 163 2.87 -9.63 14.87
CA GLY A 163 4.07 -8.94 15.34
C GLY A 163 4.50 -7.79 14.46
N GLY A 164 3.58 -7.31 13.61
CA GLY A 164 3.89 -6.10 12.83
C GLY A 164 3.73 -4.84 13.67
N TRP A 165 4.34 -3.73 13.21
CA TRP A 165 4.15 -2.45 13.87
C TRP A 165 2.65 -2.15 14.01
N VAL A 166 1.87 -2.53 12.98
CA VAL A 166 0.44 -2.32 12.93
C VAL A 166 -0.20 -3.57 12.35
N MET A 167 -1.53 -3.54 12.26
CA MET A 167 -2.34 -4.55 11.50
C MET A 167 -2.67 -3.71 10.22
N PRO A 168 -1.93 -3.97 9.14
CA PRO A 168 -2.15 -3.11 7.99
C PRO A 168 -3.34 -3.25 7.14
N ASP A 169 -3.71 -2.13 6.52
CA ASP A 169 -4.64 -2.21 5.38
C ASP A 169 -4.02 -3.18 4.38
N GLU A 170 -4.87 -3.90 3.65
CA GLU A 170 -4.40 -4.86 2.64
C GLU A 170 -4.81 -4.40 1.22
N ALA A 171 -5.58 -3.33 1.10
CA ALA A 171 -6.04 -2.88 -0.22
C ALA A 171 -5.12 -1.83 -0.86
N ASN A 172 -4.79 -0.79 -0.10
CA ASN A 172 -4.03 0.34 -0.66
C ASN A 172 -2.54 0.23 -0.42
N SER A 173 -2.15 -0.60 0.53
CA SER A 173 -0.74 -0.70 0.91
C SER A 173 0.11 -1.30 -0.17
N HIS A 174 1.33 -0.78 -0.30
CA HIS A 174 2.28 -1.39 -1.21
C HIS A 174 2.95 -2.55 -0.45
N TRP A 175 3.22 -3.65 -1.14
CA TRP A 175 3.85 -4.79 -0.49
C TRP A 175 5.17 -4.39 0.17
N ARG A 176 5.89 -3.42 -0.40
CA ARG A 176 7.17 -3.04 0.22
C ARG A 176 6.91 -2.46 1.61
N ASN A 177 5.82 -1.73 1.80
CA ASN A 177 5.55 -1.16 3.11
C ASN A 177 4.90 -2.16 4.03
N VAL A 178 4.17 -3.12 3.51
CA VAL A 178 3.66 -4.17 4.38
C VAL A 178 4.88 -4.91 4.96
N LEU A 179 5.88 -5.19 4.12
CA LEU A 179 7.07 -5.84 4.63
C LEU A 179 7.83 -4.93 5.59
N LEU A 180 7.91 -3.64 5.29
CA LEU A 180 8.61 -2.73 6.17
C LEU A 180 8.01 -2.76 7.59
N GLN A 181 6.69 -2.66 7.70
CA GLN A 181 6.09 -2.58 9.03
C GLN A 181 6.18 -3.92 9.73
N LEU A 182 6.08 -5.01 8.98
CA LEU A 182 6.22 -6.34 9.60
C LEU A 182 7.62 -6.45 10.18
N THR A 183 8.61 -6.01 9.43
CA THR A 183 10.01 -6.12 9.85
C THR A 183 10.21 -5.21 11.06
N GLU A 184 9.63 -4.03 11.09
CA GLU A 184 9.85 -3.12 12.21
C GLU A 184 9.37 -3.76 13.49
N GLY A 185 8.15 -4.29 13.48
CA GLY A 185 7.61 -4.92 14.68
C GLY A 185 8.35 -6.18 15.06
N GLN A 186 8.69 -7.03 14.09
CA GLN A 186 9.32 -8.32 14.45
C GLN A 186 10.76 -8.09 14.90
N THR A 187 11.46 -7.10 14.34
CA THR A 187 12.83 -6.85 14.77
C THR A 187 12.81 -6.40 16.22
N TRP A 188 11.87 -5.55 16.60
CA TRP A 188 11.74 -5.12 17.98
C TRP A 188 11.44 -6.36 18.85
N LEU A 189 10.49 -7.20 18.45
CA LEU A 189 10.17 -8.40 19.28
C LEU A 189 11.35 -9.30 19.42
N LYS A 190 12.12 -9.53 18.40
CA LYS A 190 13.24 -10.43 18.56
C LYS A 190 14.25 -9.82 19.55
N GLN A 191 14.54 -8.55 19.39
CA GLN A 191 15.50 -7.90 20.26
C GLN A 191 15.08 -7.83 21.71
N PHE A 192 13.85 -7.48 22.02
CA PHE A 192 13.41 -7.29 23.40
C PHE A 192 12.64 -8.39 24.04
N MET A 193 11.91 -9.17 23.26
CA MET A 193 11.10 -10.25 23.81
C MET A 193 11.60 -11.62 23.44
N ASN A 194 12.59 -11.69 22.55
CA ASN A 194 13.16 -12.93 22.10
C ASN A 194 12.12 -13.92 21.50
N VAL A 195 11.19 -13.41 20.71
CA VAL A 195 10.20 -14.24 20.05
C VAL A 195 9.92 -13.70 18.64
N THR A 196 9.53 -14.61 17.74
CA THR A 196 9.15 -14.26 16.37
C THR A 196 7.84 -15.00 16.09
N PRO A 197 6.70 -14.31 16.01
CA PRO A 197 5.43 -14.96 15.74
C PRO A 197 5.44 -15.70 14.42
N THR A 198 4.75 -16.83 14.41
CA THR A 198 4.56 -17.61 13.18
C THR A 198 3.07 -17.73 12.83
N ALA A 199 2.21 -17.07 13.61
CA ALA A 199 0.77 -17.04 13.33
C ALA A 199 0.35 -15.58 13.20
N SER A 200 -0.44 -15.29 12.18
CA SER A 200 -0.89 -13.93 11.93
C SER A 200 -2.37 -13.79 12.26
N TRP A 201 -2.74 -12.60 12.73
CA TRP A 201 -4.09 -12.26 13.17
C TRP A 201 -4.49 -10.96 12.47
N ALA A 202 -5.44 -11.02 11.54
CA ALA A 202 -5.88 -9.82 10.80
C ALA A 202 -7.41 -9.77 10.84
N ILE A 203 -7.92 -9.24 11.96
CA ILE A 203 -9.38 -9.25 12.15
C ILE A 203 -10.14 -8.03 11.65
N ASP A 204 -9.43 -6.95 11.32
CA ASP A 204 -10.12 -5.72 10.93
C ASP A 204 -9.86 -5.12 9.55
N PRO A 205 -8.79 -5.46 8.78
CA PRO A 205 -8.65 -4.80 7.45
C PRO A 205 -9.92 -5.07 6.61
N PHE A 206 -10.27 -4.11 5.74
CA PHE A 206 -11.60 -4.17 5.10
C PHE A 206 -11.51 -4.94 3.77
N GLY A 207 -11.43 -6.26 3.92
CA GLY A 207 -11.15 -7.12 2.78
C GLY A 207 -9.70 -7.59 2.90
N HIS A 208 -9.35 -8.67 2.23
CA HIS A 208 -8.03 -9.31 2.41
C HIS A 208 -7.34 -9.67 1.10
N SER A 209 -6.01 -9.51 1.09
CA SER A 209 -5.17 -9.72 -0.08
C SER A 209 -4.24 -10.89 0.05
N PRO A 210 -4.01 -11.64 -1.04
CA PRO A 210 -3.08 -12.79 -1.04
C PRO A 210 -1.63 -12.28 -0.90
N THR A 211 -1.39 -10.95 -1.00
CA THR A 211 -0.02 -10.46 -0.75
C THR A 211 0.37 -10.78 0.69
N MET A 212 -0.60 -10.83 1.60
CA MET A 212 -0.25 -11.17 2.99
C MET A 212 0.34 -12.57 3.14
N PRO A 213 -0.36 -13.65 2.71
CA PRO A 213 0.29 -14.95 2.87
C PRO A 213 1.59 -15.00 2.05
N TYR A 214 1.69 -14.29 0.91
CA TYR A 214 2.93 -14.29 0.12
C TYR A 214 4.10 -13.83 1.02
N ILE A 215 3.95 -12.66 1.66
CA ILE A 215 5.02 -12.11 2.49
C ILE A 215 5.21 -12.96 3.77
N LEU A 216 4.13 -13.31 4.40
CA LEU A 216 4.21 -14.09 5.65
C LEU A 216 4.86 -15.45 5.47
N GLN A 217 4.53 -16.16 4.40
CA GLN A 217 5.14 -17.47 4.21
C GLN A 217 6.64 -17.36 3.96
N LYS A 218 7.08 -16.25 3.39
CA LYS A 218 8.50 -15.99 3.11
C LYS A 218 9.18 -15.35 4.33
N SER A 219 8.44 -15.19 5.43
CA SER A 219 8.90 -14.62 6.66
C SER A 219 8.74 -15.57 7.87
N GLY A 220 8.72 -16.87 7.57
CA GLY A 220 8.67 -17.92 8.58
C GLY A 220 7.30 -18.28 9.12
N PHE A 221 6.23 -17.67 8.62
CA PHE A 221 4.90 -17.99 9.17
C PHE A 221 4.41 -19.35 8.71
N LYS A 222 3.55 -19.90 9.55
CA LYS A 222 2.90 -21.19 9.31
C LYS A 222 1.40 -21.09 9.28
N ASN A 223 0.82 -20.02 9.82
CA ASN A 223 -0.63 -19.94 9.86
C ASN A 223 -1.08 -18.48 9.85
N MET A 224 -2.29 -18.24 9.37
CA MET A 224 -2.86 -16.88 9.43
C MET A 224 -4.37 -16.91 9.59
N LEU A 225 -4.93 -15.85 10.12
CA LEU A 225 -6.36 -15.74 10.33
C LEU A 225 -6.87 -14.43 9.74
N ILE A 226 -8.02 -14.48 9.09
CA ILE A 226 -8.70 -13.32 8.49
C ILE A 226 -10.17 -13.30 8.92
N GLN A 227 -10.81 -12.14 8.78
CA GLN A 227 -12.20 -11.97 9.20
C GLN A 227 -13.09 -11.19 8.22
N ARG A 228 -12.67 -10.08 7.66
CA ARG A 228 -13.60 -9.29 6.85
C ARG A 228 -13.62 -9.72 5.43
N THR A 229 -14.48 -10.69 5.15
CA THR A 229 -14.74 -11.17 3.80
C THR A 229 -16.26 -11.04 3.59
N HIS A 230 -16.62 -10.92 2.32
CA HIS A 230 -18.03 -10.72 1.96
C HIS A 230 -18.93 -11.73 2.66
N TYR A 231 -20.06 -11.27 3.20
CA TYR A 231 -20.96 -12.20 3.86
C TYR A 231 -21.42 -13.35 2.94
N SER A 232 -21.50 -13.16 1.66
CA SER A 232 -21.93 -14.25 0.76
C SER A 232 -20.81 -15.25 0.66
N VAL A 233 -19.55 -14.81 0.69
CA VAL A 233 -18.42 -15.74 0.65
C VAL A 233 -18.37 -16.58 1.97
N LYS A 234 -18.54 -15.95 3.11
CA LYS A 234 -18.58 -16.72 4.36
C LYS A 234 -19.65 -17.80 4.27
N LYS A 235 -20.85 -17.46 3.79
CA LYS A 235 -21.91 -18.49 3.71
C LYS A 235 -21.53 -19.63 2.79
N GLU A 236 -21.01 -19.31 1.61
CA GLU A 236 -20.65 -20.32 0.64
C GLU A 236 -19.58 -21.25 1.17
N LEU A 237 -18.50 -20.66 1.69
CA LEU A 237 -17.41 -21.46 2.20
C LEU A 237 -17.87 -22.25 3.46
N ALA A 238 -18.67 -21.66 4.32
CA ALA A 238 -19.11 -22.38 5.51
C ALA A 238 -19.90 -23.63 5.09
N GLN A 239 -20.76 -23.51 4.08
CA GLN A 239 -21.57 -24.67 3.66
C GLN A 239 -20.70 -25.82 3.21
N GLN A 240 -19.51 -25.55 2.66
CA GLN A 240 -18.62 -26.61 2.19
C GLN A 240 -17.47 -26.90 3.17
N ARG A 241 -17.55 -26.32 4.36
CA ARG A 241 -16.44 -26.43 5.35
C ARG A 241 -15.10 -26.09 4.70
N GLN A 242 -15.09 -24.94 3.98
CA GLN A 242 -13.86 -24.46 3.31
C GLN A 242 -13.41 -23.15 3.94
N LEU A 243 -13.74 -22.92 5.21
CA LEU A 243 -13.31 -21.69 5.91
C LEU A 243 -11.85 -21.81 6.32
N GLU A 244 -11.27 -23.02 6.38
CA GLU A 244 -9.84 -23.19 6.63
C GLU A 244 -9.32 -23.75 5.32
N PHE A 245 -8.25 -23.16 4.82
CA PHE A 245 -7.72 -23.56 3.49
C PHE A 245 -6.26 -23.25 3.36
N LEU A 246 -5.61 -23.87 2.40
CA LEU A 246 -4.21 -23.61 2.11
C LEU A 246 -4.22 -22.53 1.01
N TRP A 247 -3.90 -21.31 1.40
CA TRP A 247 -4.00 -20.18 0.47
C TRP A 247 -2.72 -20.02 -0.29
N ARG A 248 -2.74 -20.32 -1.60
CA ARG A 248 -1.58 -20.16 -2.47
C ARG A 248 -1.78 -18.99 -3.45
N GLN A 249 -0.68 -18.54 -4.03
CA GLN A 249 -0.79 -17.45 -5.02
C GLN A 249 -1.49 -17.92 -6.29
N ILE A 250 -2.09 -16.99 -7.01
CA ILE A 250 -2.88 -17.35 -8.17
C ILE A 250 -2.08 -18.00 -9.30
N TRP A 251 -0.78 -17.76 -9.36
CA TRP A 251 0.04 -18.36 -10.43
C TRP A 251 0.79 -19.59 -9.99
N ASP A 252 0.67 -19.96 -8.72
CA ASP A 252 1.44 -21.07 -8.16
C ASP A 252 0.91 -22.44 -8.44
N ASN A 253 1.53 -23.10 -9.42
CA ASN A 253 1.09 -24.42 -9.84
CA ASN A 253 1.01 -24.47 -9.79
C ASN A 253 1.39 -25.54 -8.85
N LYS A 254 2.56 -25.46 -8.24
CA LYS A 254 3.04 -26.49 -7.29
C LYS A 254 2.49 -26.35 -5.90
N GLY A 255 2.30 -25.12 -5.44
CA GLY A 255 1.78 -24.92 -4.10
C GLY A 255 2.82 -24.54 -3.07
N ASP A 256 4.05 -24.24 -3.45
CA ASP A 256 5.02 -23.91 -2.42
C ASP A 256 4.78 -22.58 -1.72
N THR A 257 3.92 -21.73 -2.27
CA THR A 257 3.62 -20.46 -1.59
C THR A 257 2.48 -20.62 -0.57
N ALA A 258 1.89 -21.82 -0.49
CA ALA A 258 0.70 -22.02 0.36
C ALA A 258 0.89 -21.73 1.85
N LEU A 259 -0.11 -21.06 2.45
CA LEU A 259 -0.09 -20.78 3.88
C LEU A 259 -1.46 -21.14 4.43
N PHE A 260 -1.49 -21.95 5.49
CA PHE A 260 -2.77 -22.32 6.11
C PHE A 260 -3.47 -21.09 6.64
N THR A 261 -4.73 -20.93 6.26
CA THR A 261 -5.51 -19.76 6.60
C THR A 261 -6.83 -20.16 7.22
N HIS A 262 -7.20 -19.47 8.30
CA HIS A 262 -8.48 -19.62 8.95
C HIS A 262 -9.31 -18.38 8.74
N MET A 263 -10.46 -18.49 8.08
CA MET A 263 -11.41 -17.39 7.94
C MET A 263 -12.50 -17.54 9.00
N MET A 264 -12.71 -16.49 9.80
CA MET A 264 -13.78 -16.48 10.81
C MET A 264 -15.09 -16.48 10.05
N PRO A 265 -16.14 -17.09 10.62
CA PRO A 265 -17.42 -17.20 9.91
C PRO A 265 -18.50 -16.20 9.96
N PHE A 266 -18.45 -15.33 10.95
CA PHE A 266 -19.52 -14.44 11.27
C PHE A 266 -19.32 -13.00 10.92
N TYR A 267 -20.30 -12.16 11.26
CA TYR A 267 -20.31 -10.77 10.81
C TYR A 267 -19.26 -9.86 11.47
N SER A 268 -18.80 -10.21 12.65
CA SER A 268 -17.79 -9.37 13.35
C SER A 268 -16.92 -10.25 14.20
N TYR A 269 -15.87 -9.64 14.76
CA TYR A 269 -14.99 -10.30 15.70
C TYR A 269 -15.35 -9.97 17.15
N ASP A 270 -16.42 -9.22 17.38
CA ASP A 270 -16.84 -8.92 18.76
C ASP A 270 -17.44 -10.17 19.41
N ILE A 271 -17.62 -10.12 20.71
CA ILE A 271 -18.09 -11.32 21.44
C ILE A 271 -19.45 -11.85 20.93
N PRO A 272 -20.39 -10.96 20.64
CA PRO A 272 -21.67 -11.47 20.13
C PRO A 272 -21.54 -12.25 18.84
N HIS A 273 -20.48 -12.04 18.06
CA HIS A 273 -20.33 -12.76 16.77
C HIS A 273 -19.16 -13.71 16.78
N THR A 274 -18.71 -14.14 17.96
CA THR A 274 -17.61 -15.10 17.98
C THR A 274 -17.89 -16.36 18.82
N CYS A 275 -18.97 -16.41 19.60
CA CYS A 275 -19.18 -17.67 20.34
C CYS A 275 -19.97 -18.71 19.53
N GLY A 276 -20.67 -18.25 18.50
CA GLY A 276 -21.60 -19.11 17.76
C GLY A 276 -22.45 -18.27 16.86
N PRO A 277 -23.44 -18.89 16.18
CA PRO A 277 -24.31 -18.19 15.23
C PRO A 277 -25.33 -17.22 15.73
N ASP A 278 -25.69 -17.29 17.01
CA ASP A 278 -26.80 -16.44 17.50
C ASP A 278 -26.25 -15.32 18.42
N PRO A 279 -26.16 -14.10 17.88
CA PRO A 279 -25.62 -13.02 18.72
C PRO A 279 -26.41 -12.71 19.95
N LYS A 280 -27.73 -12.98 19.94
CA LYS A 280 -28.56 -12.71 21.12
C LYS A 280 -28.10 -13.60 22.25
N VAL A 281 -27.61 -14.81 21.94
CA VAL A 281 -27.08 -15.70 22.96
C VAL A 281 -25.63 -15.35 23.30
N CYS A 282 -24.78 -15.18 22.27
CA CYS A 282 -23.39 -14.86 22.55
C CYS A 282 -23.19 -13.57 23.34
N CYS A 283 -24.03 -12.56 23.09
CA CYS A 283 -23.88 -11.32 23.82
C CYS A 283 -23.99 -11.52 25.36
N GLN A 284 -24.72 -12.57 25.78
CA GLN A 284 -24.88 -12.89 27.20
C GLN A 284 -23.64 -13.44 27.82
N PHE A 285 -22.63 -13.72 26.96
CA PHE A 285 -21.37 -14.22 27.46
C PHE A 285 -20.23 -13.19 27.32
N ASP A 286 -20.63 -11.94 27.13
CA ASP A 286 -19.67 -10.81 27.19
C ASP A 286 -19.97 -10.17 28.56
N PHE A 287 -19.19 -10.53 29.56
CA PHE A 287 -19.51 -10.10 30.91
C PHE A 287 -19.27 -8.64 31.20
N LYS A 288 -18.76 -7.88 30.20
CA LYS A 288 -18.62 -6.44 30.37
C LYS A 288 -19.95 -5.73 30.05
N ARG A 289 -21.02 -6.45 29.65
CA ARG A 289 -22.26 -5.81 29.25
C ARG A 289 -23.44 -5.84 30.27
N MET A 290 -23.13 -5.95 31.56
CA MET A 290 -24.24 -6.04 32.52
C MET A 290 -24.72 -4.65 33.00
N GLY A 291 -23.97 -3.59 32.69
CA GLY A 291 -24.41 -2.24 33.04
C GLY A 291 -23.41 -1.21 33.59
N SER A 292 -22.63 -1.63 34.59
CA SER A 292 -21.69 -0.72 35.26
C SER A 292 -20.57 -0.17 34.37
N PHE A 293 -20.31 -0.82 33.23
CA PHE A 293 -19.29 -0.40 32.28
C PHE A 293 -19.86 0.47 31.15
N GLY A 294 -21.16 0.74 31.22
CA GLY A 294 -21.75 1.56 30.19
C GLY A 294 -22.05 0.85 28.89
N LEU A 295 -22.08 -0.48 28.92
CA LEU A 295 -22.32 -1.27 27.73
C LEU A 295 -23.56 -2.13 27.96
N SER A 296 -24.24 -2.48 26.87
CA SER A 296 -25.43 -3.32 26.98
C SER A 296 -25.52 -4.19 25.74
N CYS A 297 -26.52 -5.09 25.69
CA CYS A 297 -26.74 -5.99 24.56
C CYS A 297 -27.87 -5.47 23.66
N PRO A 298 -27.59 -5.23 22.38
CA PRO A 298 -28.58 -4.73 21.42
C PRO A 298 -29.76 -5.69 21.27
N TRP A 299 -29.54 -6.96 21.56
CA TRP A 299 -30.60 -7.98 21.40
C TRP A 299 -31.51 -8.05 22.61
N LYS A 300 -31.25 -7.22 23.60
CA LYS A 300 -32.10 -7.06 24.78
C LYS A 300 -32.11 -8.13 25.85
N VAL A 301 -31.16 -9.05 25.84
CA VAL A 301 -31.04 -10.04 26.89
C VAL A 301 -29.63 -9.80 27.43
N PRO A 302 -29.49 -9.42 28.70
CA PRO A 302 -28.17 -9.13 29.25
C PRO A 302 -27.44 -10.34 29.75
N PRO A 303 -26.12 -10.19 29.96
CA PRO A 303 -25.38 -11.33 30.51
C PRO A 303 -25.83 -11.41 31.98
N ARG A 304 -25.68 -12.58 32.58
CA ARG A 304 -25.92 -12.74 34.01
C ARG A 304 -24.71 -13.43 34.62
N THR A 305 -24.33 -12.98 35.80
CA THR A 305 -23.21 -13.56 36.53
C THR A 305 -23.44 -15.06 36.67
N ILE A 306 -22.41 -15.85 36.42
CA ILE A 306 -22.51 -17.30 36.55
C ILE A 306 -22.44 -17.67 38.01
N SER A 307 -23.41 -18.54 38.41
CA SER A 307 -23.53 -19.00 39.81
C SER A 307 -23.74 -20.50 39.76
N ASP A 308 -23.69 -21.14 40.93
CA ASP A 308 -23.99 -22.57 40.94
C ASP A 308 -25.43 -22.89 40.54
N GLN A 309 -26.37 -21.95 40.69
CA GLN A 309 -27.79 -22.18 40.31
C GLN A 309 -28.12 -21.97 38.85
N ASN A 310 -27.25 -21.26 38.11
CA ASN A 310 -27.54 -21.08 36.70
C ASN A 310 -26.44 -21.67 35.81
N VAL A 311 -25.39 -22.21 36.38
CA VAL A 311 -24.27 -22.60 35.46
C VAL A 311 -24.67 -23.71 34.53
N ALA A 312 -25.56 -24.61 34.93
CA ALA A 312 -25.94 -25.67 33.99
C ALA A 312 -26.75 -25.14 32.83
N ALA A 313 -27.73 -24.25 33.04
CA ALA A 313 -28.53 -23.70 31.96
C ALA A 313 -27.64 -22.81 31.07
N ARG A 314 -26.80 -22.00 31.70
CA ARG A 314 -25.89 -21.11 30.93
C ARG A 314 -24.91 -21.98 30.10
N SER A 315 -24.32 -23.05 30.67
CA SER A 315 -23.44 -23.94 29.89
C SER A 315 -24.22 -24.63 28.79
N ASP A 316 -25.45 -25.06 29.04
CA ASP A 316 -26.23 -25.70 27.97
C ASP A 316 -26.29 -24.75 26.76
N LEU A 317 -26.60 -23.49 27.03
CA LEU A 317 -26.72 -22.51 25.95
C LEU A 317 -25.41 -22.26 25.25
N LEU A 318 -24.33 -22.14 26.01
CA LEU A 318 -23.04 -21.78 25.41
C LEU A 318 -22.47 -22.95 24.63
N VAL A 319 -22.54 -24.16 25.19
CA VAL A 319 -22.01 -25.31 24.47
C VAL A 319 -22.81 -25.54 23.18
N ASP A 320 -24.12 -25.31 23.18
CA ASP A 320 -24.91 -25.43 21.96
C ASP A 320 -24.37 -24.45 20.91
N GLN A 321 -24.07 -23.20 21.28
CA GLN A 321 -23.47 -22.26 20.30
C GLN A 321 -22.13 -22.78 19.79
N TRP A 322 -21.28 -23.26 20.67
CA TRP A 322 -20.00 -23.77 20.24
C TRP A 322 -20.12 -24.93 19.28
N LYS A 323 -21.04 -25.85 19.59
CA LYS A 323 -21.17 -27.03 18.71
C LYS A 323 -21.74 -26.64 17.35
N LYS A 324 -22.57 -25.62 17.29
CA LYS A 324 -23.03 -25.11 16.01
C LYS A 324 -21.86 -24.50 15.25
N LYS A 325 -21.05 -23.66 15.92
CA LYS A 325 -19.90 -23.08 15.21
C LYS A 325 -18.99 -24.19 14.73
N ALA A 326 -18.79 -25.24 15.53
CA ALA A 326 -17.88 -26.32 15.16
C ALA A 326 -18.33 -27.07 13.91
N GLU A 327 -19.61 -27.04 13.63
CA GLU A 327 -20.11 -27.68 12.42
C GLU A 327 -19.59 -27.06 11.13
N LEU A 328 -19.10 -25.82 11.20
CA LEU A 328 -18.62 -25.12 10.00
C LEU A 328 -17.15 -25.46 9.71
N TYR A 329 -16.49 -26.26 10.54
CA TYR A 329 -15.07 -26.56 10.38
C TYR A 329 -14.81 -28.05 10.41
N ARG A 330 -13.63 -28.47 10.01
CA ARG A 330 -13.33 -29.89 9.84
C ARG A 330 -12.70 -30.63 10.99
N THR A 331 -12.09 -29.96 11.97
CA THR A 331 -11.47 -30.69 13.06
C THR A 331 -12.31 -30.60 14.34
N ASN A 332 -11.85 -31.27 15.40
CA ASN A 332 -12.51 -31.20 16.69
C ASN A 332 -11.85 -30.15 17.60
N VAL A 333 -11.17 -29.15 17.02
CA VAL A 333 -10.51 -28.05 17.78
C VAL A 333 -11.23 -26.79 17.34
N LEU A 334 -11.80 -26.02 18.27
CA LEU A 334 -12.61 -24.85 17.98
C LEU A 334 -11.99 -23.58 18.53
N LEU A 335 -11.91 -22.55 17.69
CA LEU A 335 -11.37 -21.24 18.07
C LEU A 335 -12.54 -20.31 18.47
N ILE A 336 -12.47 -19.77 19.70
CA ILE A 336 -13.44 -18.84 20.21
C ILE A 336 -12.73 -17.54 20.68
N PRO A 337 -12.59 -16.57 19.77
CA PRO A 337 -12.00 -15.29 20.21
C PRO A 337 -12.87 -14.65 21.31
N LEU A 338 -12.24 -13.97 22.26
CA LEU A 338 -13.00 -13.29 23.33
C LEU A 338 -12.44 -11.86 23.46
N GLY A 339 -13.04 -10.93 22.73
CA GLY A 339 -12.52 -9.55 22.79
C GLY A 339 -13.28 -8.62 21.88
N ASP A 340 -12.81 -7.35 21.85
CA ASP A 340 -13.43 -6.28 21.07
C ASP A 340 -12.41 -5.12 21.14
N ASP A 341 -12.84 -3.99 20.63
CA ASP A 341 -11.96 -2.81 20.51
C ASP A 341 -11.61 -2.25 21.88
N PHE A 342 -10.31 -2.07 22.12
CA PHE A 342 -9.80 -1.49 23.34
C PHE A 342 -10.41 -2.14 24.58
N ARG A 343 -10.56 -3.46 24.54
CA ARG A 343 -11.03 -4.20 25.72
C ARG A 343 -9.88 -4.50 26.68
N PHE A 344 -10.27 -5.04 27.84
CA PHE A 344 -9.35 -5.43 28.94
C PHE A 344 -8.60 -4.23 29.50
N LYS A 345 -9.30 -3.13 29.68
CA LYS A 345 -8.70 -1.91 30.19
C LYS A 345 -8.68 -1.77 31.71
N GLN A 346 -9.79 -2.16 32.32
CA GLN A 346 -9.99 -2.08 33.76
CA GLN A 346 -9.86 -2.04 33.79
C GLN A 346 -9.73 -3.39 34.46
N ASN A 347 -9.16 -3.33 35.67
CA ASN A 347 -8.97 -4.56 36.44
C ASN A 347 -10.30 -5.28 36.66
N THR A 348 -11.38 -4.53 36.91
CA THR A 348 -12.68 -5.15 37.14
C THR A 348 -13.17 -5.90 35.90
N GLU A 349 -12.80 -5.42 34.70
CA GLU A 349 -13.17 -6.10 33.46
C GLU A 349 -12.40 -7.42 33.32
N TRP A 350 -11.10 -7.42 33.63
CA TRP A 350 -10.35 -8.67 33.62
C TRP A 350 -11.02 -9.69 34.54
N ASP A 351 -11.38 -9.23 35.76
CA ASP A 351 -12.01 -10.13 36.73
C ASP A 351 -13.36 -10.64 36.25
N VAL A 352 -14.20 -9.76 35.74
CA VAL A 352 -15.52 -10.22 35.38
C VAL A 352 -15.50 -11.22 34.23
N GLN A 353 -14.61 -11.03 33.24
CA GLN A 353 -14.54 -12.00 32.15
C GLN A 353 -13.88 -13.29 32.65
N ARG A 354 -12.75 -13.20 33.35
CA ARG A 354 -12.06 -14.38 33.76
C ARG A 354 -12.86 -15.26 34.74
N VAL A 355 -13.43 -14.65 35.78
CA VAL A 355 -14.09 -15.49 36.79
C VAL A 355 -15.31 -16.17 36.21
N ASN A 356 -16.10 -15.47 35.41
CA ASN A 356 -17.29 -16.08 34.86
C ASN A 356 -16.93 -17.22 33.86
N TYR A 357 -15.90 -17.03 33.02
CA TYR A 357 -15.50 -18.11 32.13
C TYR A 357 -14.89 -19.24 32.92
N GLU A 358 -14.10 -18.99 33.96
CA GLU A 358 -13.60 -20.10 34.76
C GLU A 358 -14.74 -20.95 35.35
N ARG A 359 -15.84 -20.34 35.78
CA ARG A 359 -16.95 -21.12 36.35
C ARG A 359 -17.57 -21.98 35.24
N LEU A 360 -17.70 -21.39 34.05
CA LEU A 360 -18.24 -22.16 32.94
C LEU A 360 -17.32 -23.32 32.60
N PHE A 361 -16.01 -23.12 32.50
CA PHE A 361 -15.11 -24.22 32.14
C PHE A 361 -15.17 -25.32 33.20
N GLU A 362 -15.16 -24.94 34.49
CA GLU A 362 -15.14 -25.97 35.53
C GLU A 362 -16.40 -26.84 35.40
N HIS A 363 -17.56 -26.26 35.15
CA HIS A 363 -18.77 -27.04 34.98
C HIS A 363 -18.73 -27.88 33.70
N ILE A 364 -18.48 -27.25 32.55
CA ILE A 364 -18.50 -27.93 31.27
C ILE A 364 -17.51 -29.07 31.23
N ASN A 365 -16.32 -28.84 31.71
CA ASN A 365 -15.29 -29.85 31.61
C ASN A 365 -15.53 -31.05 32.53
N SER A 366 -16.40 -30.86 33.53
CA SER A 366 -16.73 -31.94 34.49
C SER A 366 -18.02 -32.67 34.14
N GLN A 367 -18.76 -32.23 33.13
CA GLN A 367 -20.02 -32.86 32.73
C GLN A 367 -19.73 -33.68 31.48
N ALA A 368 -19.44 -34.97 31.69
CA ALA A 368 -19.09 -35.82 30.57
C ALA A 368 -20.07 -35.74 29.43
N HIS A 369 -21.36 -35.55 29.73
CA HIS A 369 -22.33 -35.48 28.66
C HIS A 369 -22.10 -34.41 27.56
N PHE A 370 -21.35 -33.34 27.88
CA PHE A 370 -21.07 -32.33 26.86
C PHE A 370 -19.96 -32.79 25.94
N ASN A 371 -19.06 -33.63 26.46
CA ASN A 371 -17.90 -34.12 25.72
C ASN A 371 -17.11 -32.93 25.15
N VAL A 372 -16.82 -31.99 26.03
CA VAL A 372 -16.08 -30.78 25.66
C VAL A 372 -14.98 -30.55 26.67
N GLN A 373 -13.82 -30.07 26.22
CA GLN A 373 -12.74 -29.66 27.13
C GLN A 373 -12.45 -28.21 26.69
N ALA A 374 -12.79 -27.23 27.53
CA ALA A 374 -12.64 -25.80 27.18
C ALA A 374 -11.62 -25.14 28.06
N GLN A 375 -10.85 -24.21 27.49
CA GLN A 375 -9.84 -23.50 28.27
C GLN A 375 -9.43 -22.22 27.60
N PHE A 376 -8.83 -21.31 28.37
CA PHE A 376 -8.23 -20.14 27.71
C PHE A 376 -7.06 -20.64 26.91
N GLY A 377 -6.85 -20.01 25.75
CA GLY A 377 -5.69 -20.39 24.95
C GLY A 377 -5.21 -19.20 24.12
N THR A 378 -4.13 -19.47 23.40
CA THR A 378 -3.59 -18.47 22.47
C THR A 378 -3.87 -18.94 21.05
N LEU A 379 -3.56 -18.05 20.09
CA LEU A 379 -3.76 -18.36 18.70
C LEU A 379 -2.90 -19.53 18.22
N GLN A 380 -1.62 -19.50 18.60
CA GLN A 380 -0.71 -20.57 18.19
C GLN A 380 -1.19 -21.91 18.78
N GLU A 381 -1.70 -21.89 20.01
CA GLU A 381 -2.18 -23.14 20.60
C GLU A 381 -3.33 -23.70 19.74
N TYR A 382 -4.26 -22.84 19.29
CA TYR A 382 -5.31 -23.32 18.42
C TYR A 382 -4.72 -23.99 17.14
N PHE A 383 -3.84 -23.28 16.45
CA PHE A 383 -3.32 -23.83 15.21
C PHE A 383 -2.52 -25.11 15.45
N ASP A 384 -1.73 -25.15 16.51
CA ASP A 384 -0.97 -26.38 16.77
C ASP A 384 -1.91 -27.58 16.94
N ALA A 385 -3.03 -27.37 17.63
CA ALA A 385 -3.97 -28.45 17.87
C ALA A 385 -4.68 -28.81 16.57
N VAL A 386 -5.05 -27.83 15.73
CA VAL A 386 -5.66 -28.15 14.43
C VAL A 386 -4.70 -29.00 13.60
N HIS A 387 -3.43 -28.63 13.54
CA HIS A 387 -2.52 -29.45 12.75
C HIS A 387 -2.22 -30.83 13.36
N GLN A 388 -2.30 -30.94 14.67
CA GLN A 388 -2.15 -32.28 15.29
C GLN A 388 -3.32 -33.13 14.79
N ALA A 389 -4.53 -32.57 14.72
CA ALA A 389 -5.69 -33.31 14.25
C ALA A 389 -5.52 -33.70 12.79
N GLU A 390 -5.00 -32.78 11.98
CA GLU A 390 -4.74 -33.05 10.56
C GLU A 390 -3.76 -34.22 10.41
N ARG A 391 -2.66 -34.20 11.15
CA ARG A 391 -1.67 -35.26 11.07
C ARG A 391 -2.25 -36.58 11.55
N ALA A 392 -3.21 -36.53 12.45
CA ALA A 392 -3.81 -37.78 12.94
C ALA A 392 -4.78 -38.31 11.87
N GLY A 393 -4.86 -37.61 10.72
CA GLY A 393 -5.75 -38.04 9.65
C GLY A 393 -7.20 -37.71 9.88
N GLN A 394 -7.49 -36.77 10.77
CA GLN A 394 -8.88 -36.49 10.98
C GLN A 394 -9.47 -35.44 10.05
N ALA A 395 -8.63 -34.74 9.28
CA ALA A 395 -9.12 -33.76 8.33
C ALA A 395 -8.10 -33.49 7.22
N GLU A 396 -8.59 -33.08 6.05
CA GLU A 396 -7.72 -32.67 4.95
C GLU A 396 -8.31 -31.29 4.60
N PHE A 397 -7.44 -30.37 4.19
CA PHE A 397 -7.92 -29.04 3.91
C PHE A 397 -7.86 -28.68 2.43
N PRO A 398 -8.83 -27.93 1.97
CA PRO A 398 -8.86 -27.52 0.56
C PRO A 398 -7.81 -26.46 0.23
N THR A 399 -7.46 -26.37 -1.04
CA THR A 399 -6.54 -25.36 -1.54
C THR A 399 -7.39 -24.22 -2.12
N LEU A 400 -6.85 -22.99 -2.04
CA LEU A 400 -7.58 -21.82 -2.51
C LEU A 400 -6.60 -20.81 -3.07
N SER A 401 -7.04 -20.14 -4.14
CA SER A 401 -6.31 -18.97 -4.64
C SER A 401 -7.33 -17.88 -4.94
N GLY A 402 -6.84 -16.63 -4.97
CA GLY A 402 -7.67 -15.46 -5.23
C GLY A 402 -7.55 -14.44 -4.10
N ASP A 403 -8.40 -13.44 -4.12
CA ASP A 403 -8.41 -12.39 -3.08
C ASP A 403 -9.80 -12.29 -2.52
N PHE A 404 -9.95 -11.40 -1.55
CA PHE A 404 -11.21 -11.16 -0.85
C PHE A 404 -11.59 -9.68 -0.89
N PHE A 405 -11.57 -9.15 -2.13
CA PHE A 405 -12.08 -7.81 -2.40
C PHE A 405 -13.19 -7.95 -3.46
N THR A 406 -14.21 -7.11 -3.48
CA THR A 406 -14.48 -6.02 -2.53
C THR A 406 -15.42 -6.49 -1.45
N TYR A 407 -15.06 -6.21 -0.21
CA TYR A 407 -15.80 -6.60 0.94
C TYR A 407 -17.13 -5.88 1.08
N ALA A 408 -18.15 -6.61 1.48
CA ALA A 408 -19.42 -6.02 1.94
C ALA A 408 -19.77 -6.71 3.25
N ASP A 409 -20.12 -5.91 4.25
CA ASP A 409 -20.49 -6.47 5.53
C ASP A 409 -21.98 -6.81 5.60
N ARG A 410 -22.79 -6.19 4.74
CA ARG A 410 -24.24 -6.44 4.76
C ARG A 410 -24.86 -5.77 3.56
N SER A 411 -26.00 -6.30 3.13
CA SER A 411 -26.73 -5.82 1.97
CA SER A 411 -26.77 -5.73 2.04
C SER A 411 -25.89 -5.35 0.79
N ASP A 412 -26.04 -4.11 0.36
CA ASP A 412 -25.25 -3.60 -0.78
C ASP A 412 -24.15 -2.64 -0.28
N ASN A 413 -23.79 -2.76 0.99
CA ASN A 413 -22.78 -1.86 1.59
C ASN A 413 -21.37 -2.41 1.30
N TYR A 414 -20.86 -2.09 0.12
CA TYR A 414 -19.50 -2.46 -0.35
C TYR A 414 -18.52 -1.37 0.07
N TRP A 415 -17.40 -1.83 0.62
CA TRP A 415 -16.38 -0.94 1.21
C TRP A 415 -15.38 -0.54 0.17
N SER A 416 -15.82 0.06 -0.94
CA SER A 416 -14.90 0.52 -1.96
C SER A 416 -14.58 2.03 -1.85
N GLY A 417 -15.25 2.73 -0.94
CA GLY A 417 -14.93 4.16 -0.79
C GLY A 417 -13.52 4.40 -0.27
N TYR A 418 -13.06 3.56 0.65
CA TYR A 418 -11.73 3.79 1.24
C TYR A 418 -10.58 3.51 0.28
N TYR A 419 -10.88 3.00 -0.93
CA TYR A 419 -9.85 2.87 -1.94
C TYR A 419 -9.41 4.26 -2.42
N THR A 420 -10.20 5.28 -2.10
CA THR A 420 -9.91 6.66 -2.54
C THR A 420 -9.88 7.69 -1.40
N SER A 421 -10.58 7.45 -0.29
CA SER A 421 -10.67 8.46 0.75
C SER A 421 -9.32 9.05 1.16
N ARG A 422 -9.31 10.38 1.34
CA ARG A 422 -8.06 11.11 1.73
C ARG A 422 -6.93 10.76 0.75
N PRO A 423 -7.12 11.11 -0.52
CA PRO A 423 -6.14 10.79 -1.53
C PRO A 423 -4.82 11.53 -1.39
N TYR A 424 -4.82 12.71 -0.75
CA TYR A 424 -3.54 13.41 -0.54
C TYR A 424 -2.58 12.49 0.21
N HIS A 425 -3.07 11.84 1.27
CA HIS A 425 -2.19 11.02 2.11
C HIS A 425 -1.85 9.69 1.45
N LYS A 426 -2.76 9.19 0.62
CA LYS A 426 -2.47 7.99 -0.19
C LYS A 426 -1.30 8.29 -1.12
N ARG A 427 -1.25 9.48 -1.75
CA ARG A 427 -0.12 9.84 -2.58
C ARG A 427 1.14 10.04 -1.72
N MET A 428 0.98 10.69 -0.55
CA MET A 428 2.14 10.89 0.31
C MET A 428 2.78 9.57 0.72
N ASP A 429 1.98 8.52 0.94
CA ASP A 429 2.48 7.19 1.30
C ASP A 429 3.49 6.73 0.25
N ARG A 430 3.18 6.91 -1.06
CA ARG A 430 4.08 6.41 -2.09
C ARG A 430 5.33 7.23 -2.18
N VAL A 431 5.23 8.54 -1.91
CA VAL A 431 6.43 9.41 -1.89
C VAL A 431 7.35 8.96 -0.76
N LEU A 432 6.81 8.83 0.44
CA LEU A 432 7.62 8.42 1.58
C LEU A 432 8.14 6.99 1.40
N MET A 433 7.37 6.09 0.77
CA MET A 433 7.86 4.73 0.50
C MET A 433 9.22 4.82 -0.23
N HIS A 434 9.26 5.64 -1.27
CA HIS A 434 10.46 5.76 -2.09
C HIS A 434 11.60 6.44 -1.33
N TYR A 435 11.28 7.51 -0.59
CA TYR A 435 12.28 8.23 0.19
CA TYR A 435 12.38 8.16 0.14
C TYR A 435 12.92 7.31 1.23
N VAL A 436 12.15 6.44 1.89
CA VAL A 436 12.71 5.54 2.89
C VAL A 436 13.66 4.58 2.16
N ARG A 437 13.23 4.00 1.04
CA ARG A 437 14.12 3.08 0.31
C ARG A 437 15.41 3.81 -0.06
N ALA A 438 15.28 5.02 -0.64
CA ALA A 438 16.48 5.73 -1.10
C ALA A 438 17.39 6.10 0.07
N ALA A 439 16.84 6.53 1.21
CA ALA A 439 17.67 6.88 2.33
C ALA A 439 18.39 5.66 2.89
N GLU A 440 17.69 4.56 3.04
CA GLU A 440 18.32 3.34 3.55
C GLU A 440 19.40 2.87 2.58
N MET A 441 19.16 2.91 1.28
CA MET A 441 20.14 2.45 0.31
C MET A 441 21.37 3.38 0.25
N LEU A 442 21.16 4.68 0.11
CA LEU A 442 22.30 5.62 0.03
C LEU A 442 23.18 5.56 1.24
N SER A 443 22.60 5.39 2.43
CA SER A 443 23.41 5.39 3.62
C SER A 443 23.99 4.02 3.92
N ALA A 444 23.52 2.96 3.30
CA ALA A 444 24.00 1.59 3.55
C ALA A 444 25.44 1.41 3.06
N TRP A 445 25.87 2.17 2.07
CA TRP A 445 27.22 1.98 1.51
C TRP A 445 28.34 2.20 2.52
N HIS A 446 28.10 3.00 3.54
CA HIS A 446 29.13 3.24 4.53
C HIS A 446 28.62 2.92 5.91
N SER A 447 29.58 2.76 6.81
CA SER A 447 29.32 2.61 8.23
C SER A 447 29.40 4.07 8.77
N TRP A 448 28.49 4.49 9.66
CA TRP A 448 28.47 5.87 10.12
C TRP A 448 28.71 5.97 11.60
N ASP A 449 29.46 7.00 11.99
CA ASP A 449 29.68 7.25 13.40
C ASP A 449 28.31 7.56 14.04
N GLY A 450 28.12 7.20 15.31
CA GLY A 450 26.86 7.46 15.97
C GLY A 450 26.48 8.93 15.99
N MET A 451 27.49 9.81 15.98
CA MET A 451 27.21 11.23 15.99
C MET A 451 26.50 11.73 14.74
N ALA A 452 26.50 10.92 13.68
CA ALA A 452 25.86 11.33 12.43
C ALA A 452 24.34 11.12 12.54
N ARG A 453 23.87 10.38 13.55
CA ARG A 453 22.41 10.18 13.78
C ARG A 453 21.71 9.54 12.59
N ILE A 454 22.43 8.73 11.85
CA ILE A 454 21.84 8.10 10.68
C ILE A 454 20.81 7.04 11.10
N GLU A 455 21.19 6.14 11.98
CA GLU A 455 20.28 5.09 12.44
C GLU A 455 19.07 5.71 13.11
N GLU A 456 19.25 6.78 13.86
CA GLU A 456 18.17 7.44 14.56
C GLU A 456 17.14 7.95 13.55
N ARG A 457 17.61 8.67 12.54
CA ARG A 457 16.68 9.23 11.55
C ARG A 457 16.02 8.17 10.71
N LEU A 458 16.73 7.11 10.38
CA LEU A 458 16.09 6.06 9.58
C LEU A 458 15.08 5.30 10.41
N GLU A 459 15.34 5.09 11.71
CA GLU A 459 14.35 4.39 12.52
C GLU A 459 13.08 5.25 12.60
N GLN A 460 13.22 6.54 12.80
CA GLN A 460 12.03 7.41 12.85
C GLN A 460 11.26 7.33 11.53
N ALA A 461 11.96 7.43 10.40
CA ALA A 461 11.27 7.40 9.12
C ALA A 461 10.57 6.05 8.90
N ARG A 462 11.24 4.94 9.19
CA ARG A 462 10.58 3.65 9.01
C ARG A 462 9.37 3.53 9.91
N ARG A 463 9.42 4.04 11.14
CA ARG A 463 8.32 3.86 12.07
C ARG A 463 7.14 4.71 11.68
N GLU A 464 7.34 5.95 11.21
CA GLU A 464 6.19 6.75 10.81
C GLU A 464 5.56 6.20 9.56
N LEU A 465 6.33 5.74 8.59
CA LEU A 465 5.73 5.16 7.39
C LEU A 465 5.00 3.86 7.80
N SER A 466 5.60 3.06 8.67
CA SER A 466 4.97 1.84 9.13
C SER A 466 3.65 2.11 9.83
N LEU A 467 3.58 3.11 10.70
CA LEU A 467 2.36 3.44 11.39
C LEU A 467 1.25 3.75 10.39
N PHE A 468 1.59 4.45 9.31
CA PHE A 468 0.55 4.86 8.34
C PHE A 468 -0.01 3.69 7.59
N GLN A 469 0.63 2.52 7.61
CA GLN A 469 0.04 1.35 6.98
C GLN A 469 -1.16 0.82 7.74
N HIS A 470 -1.40 1.31 8.94
CA HIS A 470 -2.56 0.92 9.72
C HIS A 470 -3.82 1.02 8.88
N HIS A 471 -4.80 0.17 9.18
CA HIS A 471 -6.07 0.13 8.45
C HIS A 471 -7.02 1.32 8.72
N ASP A 472 -6.55 2.32 9.49
CA ASP A 472 -7.23 3.63 9.50
C ASP A 472 -6.29 4.74 9.07
N GLY A 473 -5.10 4.40 8.58
CA GLY A 473 -4.13 5.40 8.16
C GLY A 473 -4.29 5.62 6.67
N ILE A 474 -3.57 4.82 5.89
CA ILE A 474 -3.61 4.94 4.43
C ILE A 474 -5.04 4.79 3.86
N THR A 475 -5.92 4.10 4.57
CA THR A 475 -7.30 3.90 4.12
C THR A 475 -8.12 5.22 4.14
N GLY A 476 -7.66 6.27 4.83
CA GLY A 476 -8.48 7.48 4.86
C GLY A 476 -9.73 7.38 5.70
N THR A 477 -9.74 6.53 6.72
CA THR A 477 -10.89 6.31 7.55
C THR A 477 -10.76 6.84 8.98
N ALA A 478 -9.82 7.77 9.23
CA ALA A 478 -9.64 8.34 10.58
C ALA A 478 -10.26 9.71 10.70
N LYS A 479 -10.46 10.17 11.93
CA LYS A 479 -10.99 11.52 12.13
C LYS A 479 -10.00 12.54 11.61
N THR A 480 -10.50 13.72 11.30
CA THR A 480 -9.68 14.77 10.73
C THR A 480 -8.40 15.05 11.50
N HIS A 481 -8.47 15.21 12.84
CA HIS A 481 -7.25 15.52 13.59
C HIS A 481 -6.27 14.37 13.61
N VAL A 482 -6.74 13.14 13.41
CA VAL A 482 -5.86 11.99 13.36
C VAL A 482 -5.14 11.96 12.00
N VAL A 483 -5.86 12.27 10.93
CA VAL A 483 -5.23 12.40 9.61
C VAL A 483 -4.12 13.46 9.68
N VAL A 484 -4.37 14.58 10.39
CA VAL A 484 -3.33 15.63 10.53
C VAL A 484 -2.14 15.07 11.28
N ASP A 485 -2.36 14.25 12.32
CA ASP A 485 -1.22 13.66 13.03
C ASP A 485 -0.41 12.74 12.11
N TYR A 486 -1.07 11.90 11.33
CA TYR A 486 -0.34 11.04 10.39
C TYR A 486 0.44 11.88 9.39
N GLU A 487 -0.14 12.96 8.89
CA GLU A 487 0.54 13.80 7.93
C GLU A 487 1.79 14.44 8.55
N GLN A 488 1.66 14.97 9.77
CA GLN A 488 2.80 15.58 10.45
C GLN A 488 3.89 14.57 10.69
N ARG A 489 3.54 13.36 11.12
CA ARG A 489 4.51 12.29 11.31
C ARG A 489 5.22 11.99 9.99
N MET A 490 4.48 11.87 8.90
CA MET A 490 5.12 11.58 7.62
C MET A 490 5.99 12.72 7.14
N GLN A 491 5.60 13.97 7.42
CA GLN A 491 6.45 15.11 7.03
C GLN A 491 7.78 15.06 7.77
N GLU A 492 7.73 14.74 9.06
CA GLU A 492 8.97 14.61 9.78
C GLU A 492 9.79 13.46 9.21
N ALA A 493 9.16 12.36 8.84
CA ALA A 493 9.88 11.24 8.23
C ALA A 493 10.54 11.68 6.89
N LEU A 494 9.82 12.45 6.07
CA LEU A 494 10.43 12.90 4.84
C LEU A 494 11.69 13.76 5.10
N LYS A 495 11.62 14.61 6.11
CA LYS A 495 12.77 15.44 6.47
C LYS A 495 13.91 14.57 6.95
N ALA A 496 13.62 13.52 7.73
CA ALA A 496 14.66 12.61 8.16
C ALA A 496 15.33 11.93 6.97
N CYS A 497 14.53 11.48 6.01
CA CYS A 497 15.09 10.83 4.80
C CYS A 497 15.94 11.81 4.02
N GLN A 498 15.49 13.05 3.87
CA GLN A 498 16.30 14.04 3.14
C GLN A 498 17.64 14.20 3.84
N MET A 499 17.66 14.36 5.16
CA MET A 499 18.89 14.56 5.88
C MET A 499 19.86 13.42 5.63
N VAL A 500 19.39 12.17 5.76
CA VAL A 500 20.24 11.02 5.56
C VAL A 500 20.70 10.94 4.12
N MET A 501 19.81 11.15 3.17
CA MET A 501 20.19 11.06 1.74
C MET A 501 21.26 12.09 1.41
N GLN A 502 21.08 13.34 1.81
CA GLN A 502 22.06 14.38 1.41
C GLN A 502 23.40 14.21 2.10
N GLN A 503 23.42 13.77 3.35
CA GLN A 503 24.74 13.49 4.00
C GLN A 503 25.40 12.35 3.22
N SER A 504 24.63 11.35 2.77
CA SER A 504 25.20 10.23 2.06
C SER A 504 25.76 10.64 0.71
N VAL A 505 25.04 11.46 -0.05
CA VAL A 505 25.53 11.93 -1.35
C VAL A 505 26.85 12.71 -1.15
N TYR A 506 26.91 13.58 -0.17
CA TYR A 506 28.11 14.34 0.05
C TYR A 506 29.28 13.40 0.33
N ARG A 507 29.07 12.36 1.11
CA ARG A 507 30.16 11.42 1.42
C ARG A 507 30.54 10.56 0.21
N LEU A 508 29.58 10.14 -0.59
CA LEU A 508 29.86 9.28 -1.72
C LEU A 508 30.54 9.98 -2.87
N LEU A 509 30.40 11.29 -2.97
CA LEU A 509 30.90 12.07 -4.09
C LEU A 509 31.94 13.10 -3.73
N THR A 510 32.56 13.01 -2.54
CA THR A 510 33.64 13.97 -2.21
C THR A 510 34.94 13.17 -2.00
N LYS A 511 36.06 13.69 -2.52
CA LYS A 511 37.38 13.05 -2.34
C LYS A 511 37.51 12.75 -0.88
N PRO A 512 37.87 11.51 -0.53
CA PRO A 512 37.96 11.16 0.88
C PRO A 512 38.83 12.01 1.83
N SER A 513 39.99 12.41 1.34
CA SER A 513 40.92 13.20 2.18
C SER A 513 40.48 14.65 2.31
N ILE A 514 39.42 15.03 1.61
CA ILE A 514 38.86 16.39 1.64
C ILE A 514 37.54 16.37 2.47
N TYR A 515 36.81 15.27 2.41
CA TYR A 515 35.50 15.12 3.12
C TYR A 515 35.58 15.57 4.59
N SER A 516 34.79 16.57 4.99
CA SER A 516 34.83 17.10 6.36
C SER A 516 33.39 17.37 6.76
N PRO A 517 32.69 16.33 7.16
CA PRO A 517 31.29 16.53 7.50
C PRO A 517 30.89 17.19 8.77
N ASP A 518 29.85 18.01 8.66
CA ASP A 518 29.14 18.60 9.79
C ASP A 518 27.79 17.85 9.61
N PHE A 519 27.52 16.95 10.55
CA PHE A 519 26.34 16.09 10.47
C PHE A 519 25.01 16.79 10.66
N SER A 520 25.05 18.09 10.97
CA SER A 520 23.80 18.85 11.13
C SER A 520 23.61 19.77 9.91
N PHE A 521 24.57 19.81 8.98
CA PHE A 521 24.53 20.76 7.85
C PHE A 521 23.83 20.19 6.64
N SER A 522 23.23 21.06 5.84
CA SER A 522 22.57 20.63 4.61
C SER A 522 23.47 20.95 3.42
N TYR A 523 24.20 19.95 2.98
CA TYR A 523 25.07 20.05 1.80
C TYR A 523 24.26 20.09 0.53
N PHE A 524 23.11 19.39 0.50
CA PHE A 524 22.21 19.40 -0.63
C PHE A 524 20.79 19.51 -0.14
N THR A 525 19.96 20.05 -1.00
CA THR A 525 18.53 19.99 -0.74
C THR A 525 17.87 19.17 -1.85
N LEU A 526 16.87 18.42 -1.49
CA LEU A 526 16.16 17.65 -2.49
C LEU A 526 15.24 18.52 -3.30
N ASP A 527 15.08 18.18 -4.56
CA ASP A 527 14.17 18.90 -5.42
C ASP A 527 13.22 17.81 -5.95
N ASP A 528 11.95 17.94 -5.66
CA ASP A 528 10.98 16.94 -6.11
C ASP A 528 9.92 17.68 -6.92
N SER A 529 9.82 17.34 -8.20
CA SER A 529 8.87 18.02 -9.08
C SER A 529 7.44 17.58 -8.91
N ARG A 530 7.20 16.48 -8.20
CA ARG A 530 5.86 15.93 -8.12
C ARG A 530 5.31 15.77 -6.74
N TRP A 531 6.00 16.27 -5.75
CA TRP A 531 5.45 16.21 -4.40
C TRP A 531 5.99 17.40 -3.60
N PRO A 532 5.11 18.20 -2.99
CA PRO A 532 3.66 18.07 -3.02
C PRO A 532 3.07 18.35 -4.38
N GLY A 533 3.87 19.00 -5.22
CA GLY A 533 3.50 19.30 -6.60
C GLY A 533 3.11 20.75 -6.89
N SER A 534 3.29 21.10 -8.16
CA SER A 534 2.97 22.44 -8.65
C SER A 534 1.50 22.69 -8.35
N GLY A 535 1.19 23.81 -7.70
CA GLY A 535 -0.20 24.08 -7.38
C GLY A 535 -0.65 23.50 -6.04
N VAL A 536 0.22 22.71 -5.41
CA VAL A 536 -0.12 22.14 -4.12
C VAL A 536 0.66 22.92 -3.05
N GLU A 537 1.98 23.06 -3.23
CA GLU A 537 2.83 23.83 -2.34
C GLU A 537 3.99 24.41 -3.16
N ASP A 538 4.35 25.67 -2.94
CA ASP A 538 5.50 26.23 -3.67
C ASP A 538 6.61 25.85 -2.69
N SER A 539 7.20 24.68 -2.91
CA SER A 539 8.22 24.17 -1.98
C SER A 539 9.60 24.05 -2.61
N ARG A 540 9.63 24.11 -3.94
CA ARG A 540 10.86 23.97 -4.73
C ARG A 540 11.72 25.19 -4.72
N THR A 541 13.00 24.94 -4.56
CA THR A 541 13.92 26.04 -4.56
C THR A 541 14.35 26.33 -5.99
N THR A 542 14.57 27.61 -6.22
CA THR A 542 15.05 28.05 -7.51
C THR A 542 16.55 28.12 -7.39
N ILE A 543 17.23 27.59 -8.38
CA ILE A 543 18.69 27.71 -8.43
C ILE A 543 18.97 29.15 -8.95
N ILE A 544 19.59 29.92 -8.07
CA ILE A 544 19.86 31.33 -8.37
C ILE A 544 21.27 31.56 -8.89
N LEU A 545 21.31 31.92 -10.16
CA LEU A 545 22.54 32.17 -10.86
C LEU A 545 22.53 33.62 -11.35
N GLY A 546 23.71 34.16 -11.55
CA GLY A 546 23.78 35.53 -12.03
C GLY A 546 25.24 35.93 -12.08
N GLU A 547 25.54 36.79 -13.02
CA GLU A 547 26.91 37.27 -13.20
C GLU A 547 27.49 37.93 -11.95
N ASP A 548 26.62 38.58 -11.17
CA ASP A 548 27.08 39.25 -9.98
C ASP A 548 26.81 38.45 -8.72
N ILE A 549 26.58 37.15 -8.82
CA ILE A 549 26.34 36.36 -7.60
C ILE A 549 26.92 34.92 -7.66
N LEU A 550 26.65 34.19 -8.75
CA LEU A 550 27.08 32.78 -8.83
C LEU A 550 26.92 32.32 -10.26
N PRO A 551 28.00 31.90 -10.90
CA PRO A 551 27.87 31.47 -12.28
C PRO A 551 27.31 30.07 -12.57
N SER A 552 27.45 29.17 -11.60
CA SER A 552 27.07 27.79 -11.86
C SER A 552 26.71 27.09 -10.57
N LYS A 553 26.07 25.93 -10.78
CA LYS A 553 25.58 25.11 -9.66
C LYS A 553 25.69 23.61 -10.03
N HIS A 554 26.21 22.84 -9.09
CA HIS A 554 26.19 21.37 -9.22
C HIS A 554 24.87 20.79 -8.72
N VAL A 555 24.39 19.81 -9.48
CA VAL A 555 23.22 19.02 -9.14
C VAL A 555 23.62 17.55 -9.26
N VAL A 556 22.97 16.68 -8.47
CA VAL A 556 23.29 15.25 -8.47
C VAL A 556 22.00 14.46 -8.55
N MET A 557 21.99 13.44 -9.41
CA MET A 557 20.85 12.52 -9.47
C MET A 557 21.19 11.16 -8.89
N HIS A 558 20.27 10.57 -8.14
CA HIS A 558 20.40 9.21 -7.61
C HIS A 558 19.38 8.30 -8.28
N ASN A 559 19.87 7.08 -8.60
CA ASN A 559 19.02 6.05 -9.20
C ASN A 559 18.99 4.83 -8.29
N THR A 560 17.87 4.62 -7.59
CA THR A 560 17.82 3.49 -6.64
C THR A 560 17.64 2.16 -7.35
N LEU A 561 17.26 2.14 -8.63
CA LEU A 561 17.07 0.87 -9.34
C LEU A 561 18.40 0.25 -9.77
N PRO A 562 18.50 -1.08 -9.77
CA PRO A 562 19.75 -1.75 -10.14
C PRO A 562 20.03 -1.91 -11.63
N HIS A 563 19.71 -0.90 -12.44
CA HIS A 563 20.10 -0.94 -13.84
C HIS A 563 20.39 0.51 -14.25
N TRP A 564 21.23 0.68 -15.27
CA TRP A 564 21.47 2.05 -15.79
C TRP A 564 20.13 2.62 -16.20
N ARG A 565 19.96 3.91 -15.88
CA ARG A 565 18.67 4.50 -16.23
C ARG A 565 18.85 5.93 -16.71
N GLU A 566 18.13 6.24 -17.78
CA GLU A 566 18.00 7.64 -18.23
C GLU A 566 16.59 8.15 -17.90
N GLN A 567 16.49 9.43 -17.52
CA GLN A 567 15.19 10.00 -17.25
C GLN A 567 15.38 11.51 -17.39
N LEU A 568 14.37 12.17 -17.96
CA LEU A 568 14.44 13.64 -17.97
C LEU A 568 14.24 14.17 -16.56
N VAL A 569 15.02 15.16 -16.18
CA VAL A 569 14.90 15.82 -14.88
C VAL A 569 14.77 17.32 -15.12
N ASP A 570 14.06 17.99 -14.23
CA ASP A 570 13.92 19.45 -14.35
C ASP A 570 14.22 20.16 -13.06
N PHE A 571 14.75 21.38 -13.21
CA PHE A 571 15.06 22.23 -12.07
C PHE A 571 14.55 23.64 -12.39
N TYR A 572 14.22 24.37 -11.36
CA TYR A 572 13.89 25.79 -11.51
C TYR A 572 15.19 26.57 -11.45
N VAL A 573 15.33 27.53 -12.36
CA VAL A 573 16.53 28.40 -12.44
C VAL A 573 16.08 29.83 -12.64
N SER A 574 16.95 30.75 -12.23
CA SER A 574 16.58 32.18 -12.28
C SER A 574 16.88 32.89 -13.59
N SER A 575 17.29 32.17 -14.62
CA SER A 575 17.54 32.73 -15.92
C SER A 575 17.22 31.68 -16.97
N PRO A 576 16.79 32.09 -18.16
CA PRO A 576 16.51 31.12 -19.20
C PRO A 576 17.81 30.75 -19.92
N PHE A 577 18.91 31.49 -19.70
CA PHE A 577 20.15 31.25 -20.41
C PHE A 577 21.08 30.39 -19.60
N VAL A 578 20.72 29.10 -19.58
CA VAL A 578 21.46 28.13 -18.77
C VAL A 578 21.78 26.93 -19.61
N SER A 579 22.97 26.41 -19.42
CA SER A 579 23.33 25.23 -20.16
C SER A 579 23.84 24.19 -19.17
N VAL A 580 23.80 22.96 -19.62
CA VAL A 580 24.15 21.82 -18.80
C VAL A 580 25.38 21.08 -19.32
N THR A 581 26.22 20.65 -18.37
CA THR A 581 27.39 19.81 -18.70
C THR A 581 27.47 18.68 -17.67
N ASP A 582 28.15 17.61 -18.03
CA ASP A 582 28.38 16.51 -17.11
C ASP A 582 29.71 16.82 -16.40
N LEU A 583 30.21 16.01 -15.47
CA LEU A 583 31.43 16.54 -14.86
C LEU A 583 32.69 16.47 -15.74
N ALA A 584 32.62 15.78 -16.88
CA ALA A 584 33.78 15.78 -17.82
C ALA A 584 33.64 16.97 -18.72
N ASN A 585 32.69 17.83 -18.39
CA ASN A 585 32.46 19.05 -19.15
C ASN A 585 31.91 18.82 -20.54
N ASN A 586 31.27 17.68 -20.79
CA ASN A 586 30.65 17.39 -22.07
C ASN A 586 29.28 18.09 -22.03
N PRO A 587 28.91 18.82 -23.09
CA PRO A 587 27.59 19.48 -23.09
C PRO A 587 26.49 18.44 -23.11
N VAL A 588 25.36 18.79 -22.48
CA VAL A 588 24.19 17.93 -22.42
C VAL A 588 23.05 18.76 -23.00
N GLU A 589 22.31 18.19 -23.94
CA GLU A 589 21.21 18.91 -24.56
C GLU A 589 20.15 19.24 -23.52
N ALA A 590 19.59 20.44 -23.55
CA ALA A 590 18.61 20.83 -22.55
C ALA A 590 17.51 21.62 -23.21
N GLN A 591 16.38 21.71 -22.54
CA GLN A 591 15.24 22.50 -22.97
C GLN A 591 14.81 23.39 -21.82
N VAL A 592 14.51 24.66 -22.11
CA VAL A 592 13.98 25.57 -21.11
C VAL A 592 12.53 25.86 -21.47
N SER A 593 11.68 25.83 -20.46
CA SER A 593 10.24 26.09 -20.58
C SER A 593 9.88 27.07 -19.48
N PRO A 594 8.74 27.73 -19.59
CA PRO A 594 8.37 28.66 -18.53
C PRO A 594 7.88 27.93 -17.28
N VAL A 595 7.73 28.66 -16.18
CA VAL A 595 7.09 28.12 -14.99
C VAL A 595 5.64 28.63 -15.04
N TRP A 596 4.68 27.73 -15.24
CA TRP A 596 3.27 28.05 -15.36
C TRP A 596 2.52 27.67 -14.10
N SER A 597 1.72 28.57 -13.58
CA SER A 597 0.91 28.23 -12.44
CA SER A 597 0.93 28.42 -12.33
C SER A 597 -0.52 28.51 -12.86
C SER A 597 -0.55 28.70 -12.60
N TRP A 598 -1.43 27.72 -12.34
CA TRP A 598 -2.85 27.89 -12.63
C TRP A 598 -3.57 28.56 -11.49
N HIS A 599 -4.48 29.43 -11.85
CA HIS A 599 -5.19 30.20 -10.86
C HIS A 599 -6.65 30.21 -11.11
N HIS A 600 -7.43 30.08 -10.04
CA HIS A 600 -8.86 30.19 -10.19
C HIS A 600 -9.08 31.66 -9.98
N ASP A 601 -9.38 32.34 -11.07
CA ASP A 601 -9.56 33.77 -11.07
C ASP A 601 -10.98 34.08 -10.58
N THR A 602 -11.10 34.57 -9.34
CA THR A 602 -12.43 34.86 -8.78
C THR A 602 -13.06 36.10 -9.36
N LEU A 603 -12.30 36.88 -10.11
CA LEU A 603 -12.86 38.06 -10.75
C LEU A 603 -13.46 37.69 -12.11
N THR A 604 -12.68 37.06 -12.99
CA THR A 604 -13.18 36.69 -14.30
C THR A 604 -13.93 35.36 -14.30
N LYS A 605 -13.87 34.61 -13.20
CA LYS A 605 -14.53 33.31 -13.09
C LYS A 605 -14.00 32.33 -14.13
N THR A 606 -12.69 32.32 -14.30
CA THR A 606 -12.06 31.37 -15.22
C THR A 606 -10.85 30.81 -14.52
N ILE A 607 -10.37 29.67 -15.03
CA ILE A 607 -9.19 29.01 -14.46
C ILE A 607 -8.14 29.10 -15.57
N HIS A 608 -7.05 29.80 -15.28
CA HIS A 608 -6.10 30.05 -16.35
C HIS A 608 -4.68 30.14 -15.82
N PRO A 609 -3.69 29.96 -16.71
CA PRO A 609 -2.31 29.99 -16.28
C PRO A 609 -1.60 31.32 -16.37
N GLN A 610 -0.71 31.49 -15.40
CA GLN A 610 0.12 32.68 -15.34
C GLN A 610 1.58 32.23 -15.43
N GLY A 611 2.38 32.93 -16.18
CA GLY A 611 3.78 32.55 -16.28
C GLY A 611 4.72 33.42 -15.44
N SER A 612 5.81 32.85 -14.95
CA SER A 612 6.76 33.64 -14.16
C SER A 612 7.63 34.43 -15.10
N THR A 613 8.05 35.63 -14.64
CA THR A 613 8.93 36.46 -15.43
C THR A 613 10.32 36.44 -14.83
N THR A 614 10.53 35.61 -13.81
CA THR A 614 11.87 35.52 -13.18
C THR A 614 12.38 34.10 -12.87
N LYS A 615 11.55 33.07 -13.07
CA LYS A 615 11.95 31.67 -12.82
C LYS A 615 11.57 30.91 -14.09
N TYR A 616 12.38 29.91 -14.42
CA TYR A 616 12.21 29.10 -15.61
C TYR A 616 12.53 27.66 -15.27
N ARG A 617 12.03 26.73 -16.07
CA ARG A 617 12.33 25.30 -15.89
C ARG A 617 13.39 24.85 -16.87
N ILE A 618 14.50 24.26 -16.42
CA ILE A 618 15.48 23.68 -17.32
C ILE A 618 15.31 22.15 -17.21
N ILE A 619 15.29 21.48 -18.35
CA ILE A 619 15.02 20.04 -18.46
C ILE A 619 16.13 19.37 -19.26
N PHE A 620 16.65 18.25 -18.78
CA PHE A 620 17.69 17.54 -19.56
C PHE A 620 17.63 16.07 -19.17
N LYS A 621 18.23 15.23 -20.00
CA LYS A 621 18.26 13.81 -19.73
C LYS A 621 19.43 13.45 -18.85
N ALA A 622 19.12 12.92 -17.66
CA ALA A 622 20.18 12.43 -16.76
C ALA A 622 20.38 10.93 -17.00
N ARG A 623 21.65 10.49 -16.98
CA ARG A 623 21.98 9.06 -17.16
C ARG A 623 22.73 8.66 -15.92
N VAL A 624 22.21 7.67 -15.19
CA VAL A 624 22.71 7.37 -13.85
C VAL A 624 22.99 5.89 -13.71
N PRO A 625 24.11 5.56 -13.04
CA PRO A 625 24.45 4.14 -12.90
C PRO A 625 23.46 3.36 -12.03
N PRO A 626 23.51 2.04 -12.09
CA PRO A 626 22.63 1.18 -11.26
C PRO A 626 22.95 1.55 -9.79
N MET A 627 21.92 1.80 -8.97
CA MET A 627 22.06 2.11 -7.54
C MET A 627 23.17 3.12 -7.35
N GLY A 628 23.15 4.14 -8.22
CA GLY A 628 24.27 5.09 -8.30
C GLY A 628 23.95 6.55 -8.34
N LEU A 629 24.98 7.36 -8.56
CA LEU A 629 24.85 8.85 -8.58
C LEU A 629 25.55 9.41 -9.78
N ALA A 630 25.00 10.51 -10.31
CA ALA A 630 25.63 11.21 -11.46
C ALA A 630 25.52 12.72 -11.20
N THR A 631 26.65 13.41 -11.39
CA THR A 631 26.73 14.88 -11.17
C THR A 631 26.69 15.69 -12.46
N TYR A 632 25.94 16.77 -12.46
CA TYR A 632 25.90 17.68 -13.59
C TYR A 632 26.09 19.09 -13.08
N VAL A 633 26.37 20.00 -14.04
CA VAL A 633 26.58 21.40 -13.69
C VAL A 633 25.69 22.26 -14.59
N LEU A 634 25.04 23.22 -13.96
CA LEU A 634 24.17 24.20 -14.65
C LEU A 634 24.92 25.53 -14.61
N THR A 635 25.13 26.13 -15.81
CA THR A 635 25.92 27.38 -15.92
C THR A 635 25.14 28.44 -16.68
N ILE A 636 25.18 29.65 -16.13
CA ILE A 636 24.45 30.74 -16.79
C ILE A 636 25.35 31.41 -17.87
N SER A 637 24.70 31.97 -18.90
CA SER A 637 25.45 32.73 -19.92
C SER A 637 24.64 33.98 -20.19
N ASP A 638 25.21 34.92 -20.93
CA ASP A 638 24.51 36.18 -21.18
C ASP A 638 23.45 36.10 -22.29
N SER A 639 23.46 35.01 -23.05
CA SER A 639 22.50 34.83 -24.12
C SER A 639 22.26 33.36 -24.39
N LYS A 640 21.39 33.04 -25.36
CA LYS A 640 21.07 31.66 -25.65
C LYS A 640 22.27 30.75 -25.88
N PRO A 641 22.41 29.69 -25.06
CA PRO A 641 23.47 28.70 -25.09
C PRO A 641 23.30 27.81 -26.32
N GLU A 642 24.40 27.31 -26.85
CA GLU A 642 24.34 26.44 -28.00
C GLU A 642 23.53 25.15 -27.86
N HIS A 643 23.60 24.54 -26.69
CA HIS A 643 22.91 23.26 -26.47
C HIS A 643 21.61 23.30 -25.68
N THR A 644 21.01 24.47 -25.59
CA THR A 644 19.74 24.63 -24.91
C THR A 644 18.72 25.18 -25.88
N SER A 645 17.56 24.53 -26.00
CA SER A 645 16.49 25.01 -26.85
C SER A 645 15.37 25.53 -25.97
N TYR A 646 14.40 26.21 -26.57
CA TYR A 646 13.30 26.84 -25.86
C TYR A 646 11.96 26.40 -26.36
N ALA A 647 11.05 26.01 -25.49
CA ALA A 647 9.74 25.56 -25.91
C ALA A 647 8.86 26.69 -26.40
N SER A 648 7.98 26.36 -27.33
CA SER A 648 6.98 27.35 -27.73
C SER A 648 5.80 27.14 -26.78
N ASN A 649 4.93 28.12 -26.67
CA ASN A 649 3.76 28.04 -25.81
C ASN A 649 2.58 28.66 -26.53
N LEU A 650 1.46 27.97 -26.48
CA LEU A 650 0.23 28.39 -27.15
C LEU A 650 -0.92 28.32 -26.17
N LEU A 651 -1.60 29.42 -25.93
CA LEU A 651 -2.73 29.47 -25.03
C LEU A 651 -4.00 29.51 -25.90
C LEU A 651 -4.05 29.58 -25.81
N LEU A 652 -4.87 28.54 -25.73
CA LEU A 652 -6.10 28.46 -26.47
C LEU A 652 -7.25 28.82 -25.58
N ARG A 653 -7.90 29.93 -25.90
CA ARG A 653 -9.05 30.40 -25.15
C ARG A 653 -9.61 31.61 -25.90
N LYS A 654 -10.89 31.88 -25.70
CA LYS A 654 -11.44 33.08 -26.30
C LYS A 654 -11.10 34.20 -25.30
N ASN A 655 -11.03 35.44 -25.75
CA ASN A 655 -10.75 36.53 -24.79
C ASN A 655 -9.40 36.41 -24.08
N PRO A 656 -8.31 36.20 -24.83
CA PRO A 656 -7.00 36.08 -24.18
C PRO A 656 -6.46 37.45 -23.80
N THR A 657 -5.55 37.42 -22.85
CA THR A 657 -4.84 38.62 -22.46
C THR A 657 -3.37 38.21 -22.54
N SER A 658 -2.50 39.20 -22.61
CA SER A 658 -1.07 38.99 -22.72
C SER A 658 -0.47 38.15 -21.59
N LEU A 659 0.63 37.48 -21.93
CA LEU A 659 1.35 36.61 -20.96
C LEU A 659 2.85 36.84 -21.14
N PRO A 660 3.36 37.93 -20.54
CA PRO A 660 4.80 38.22 -20.65
C PRO A 660 5.62 37.18 -19.83
N LEU A 661 6.82 36.91 -20.31
CA LEU A 661 7.66 35.89 -19.65
C LEU A 661 9.09 36.36 -19.37
N GLY A 662 9.28 37.67 -19.12
CA GLY A 662 10.62 38.18 -18.80
C GLY A 662 11.59 37.93 -19.91
N GLN A 663 12.76 37.35 -19.58
CA GLN A 663 13.79 37.10 -20.58
C GLN A 663 13.55 35.88 -21.47
N TYR A 664 12.51 35.10 -21.18
CA TYR A 664 12.23 33.91 -22.00
C TYR A 664 12.23 34.36 -23.46
N PRO A 665 12.99 33.69 -24.33
CA PRO A 665 13.07 34.12 -25.74
C PRO A 665 12.01 33.93 -26.80
N GLU A 666 10.96 33.19 -26.48
CA GLU A 666 9.87 32.92 -27.42
C GLU A 666 8.61 33.54 -26.83
N ASP A 667 7.94 34.38 -27.63
CA ASP A 667 6.71 34.99 -27.15
C ASP A 667 5.55 33.95 -27.17
N VAL A 668 4.74 34.00 -26.15
CA VAL A 668 3.56 33.14 -26.11
C VAL A 668 2.60 33.47 -27.26
N LYS A 669 2.02 32.46 -27.89
CA LYS A 669 1.03 32.59 -28.98
C LYS A 669 -0.37 32.30 -28.42
N PHE A 670 -1.40 32.81 -29.09
CA PHE A 670 -2.78 32.68 -28.64
C PHE A 670 -3.64 32.21 -29.80
N GLY A 671 -4.74 31.56 -29.48
CA GLY A 671 -5.69 31.13 -30.50
C GLY A 671 -7.00 30.69 -29.86
N ASP A 672 -8.03 30.59 -30.68
CA ASP A 672 -9.32 30.09 -30.18
C ASP A 672 -9.16 28.56 -29.96
N PRO A 673 -9.95 28.00 -29.01
CA PRO A 673 -9.87 26.54 -28.78
C PRO A 673 -9.95 25.80 -30.11
N ARG A 674 -9.19 24.73 -30.24
CA ARG A 674 -9.18 23.92 -31.46
C ARG A 674 -8.51 22.58 -31.15
N GLU A 675 -8.78 21.57 -31.96
CA GLU A 675 -8.10 20.30 -31.79
C GLU A 675 -6.62 20.44 -32.12
N ILE A 676 -5.79 19.67 -31.43
CA ILE A 676 -4.40 19.73 -31.73
C ILE A 676 -3.72 18.37 -31.62
N SER A 677 -2.56 18.26 -32.25
CA SER A 677 -1.78 17.03 -32.30
CA SER A 677 -1.82 16.99 -32.17
C SER A 677 -0.32 17.31 -31.93
N LEU A 678 0.31 16.39 -31.20
CA LEU A 678 1.69 16.57 -30.82
C LEU A 678 2.44 15.25 -30.94
N ARG A 679 3.73 15.35 -31.17
CA ARG A 679 4.60 14.19 -31.21
C ARG A 679 5.98 14.63 -30.72
N VAL A 680 6.52 13.94 -29.72
CA VAL A 680 7.85 14.20 -29.24
C VAL A 680 8.73 13.04 -29.67
N GLY A 681 9.90 13.38 -30.19
CA GLY A 681 10.82 12.36 -30.69
C GLY A 681 10.18 11.47 -31.76
N ASN A 682 10.42 10.17 -31.62
CA ASN A 682 9.85 9.17 -32.56
C ASN A 682 8.71 8.48 -31.88
N GLY A 683 8.34 9.02 -30.73
CA GLY A 683 7.31 8.44 -29.90
C GLY A 683 5.93 8.52 -30.52
N PRO A 684 4.91 8.26 -29.71
CA PRO A 684 3.56 8.31 -30.27
C PRO A 684 3.09 9.72 -30.61
N THR A 685 2.09 9.78 -31.47
CA THR A 685 1.46 11.07 -31.81
C THR A 685 0.15 11.07 -31.10
N LEU A 686 -0.11 12.11 -30.31
CA LEU A 686 -1.32 12.20 -29.54
C LEU A 686 -2.22 13.33 -30.07
N ALA A 687 -3.50 13.07 -30.17
CA ALA A 687 -4.46 14.07 -30.63
C ALA A 687 -5.36 14.43 -29.47
N PHE A 688 -5.69 15.71 -29.33
CA PHE A 688 -6.50 16.25 -28.27
C PHE A 688 -7.71 17.00 -28.76
N SER A 689 -8.79 16.97 -28.02
CA SER A 689 -10.02 17.69 -28.34
C SER A 689 -9.75 19.18 -28.05
N GLU A 690 -10.70 20.01 -28.47
CA GLU A 690 -10.60 21.43 -28.19
C GLU A 690 -10.71 21.71 -26.69
N GLN A 691 -11.14 20.71 -25.92
CA GLN A 691 -11.15 20.91 -24.47
C GLN A 691 -9.86 20.41 -23.79
N GLY A 692 -8.85 20.08 -24.57
CA GLY A 692 -7.55 19.73 -24.01
C GLY A 692 -7.46 18.31 -23.49
N LEU A 693 -8.37 17.43 -23.92
CA LEU A 693 -8.42 16.03 -23.45
C LEU A 693 -8.04 15.10 -24.57
N LEU A 694 -7.25 14.10 -24.25
CA LEU A 694 -6.84 13.12 -25.23
C LEU A 694 -8.05 12.52 -25.93
N LYS A 695 -7.87 12.35 -27.26
CA LYS A 695 -8.87 11.67 -28.08
C LYS A 695 -8.28 10.51 -28.85
N SER A 696 -6.99 10.48 -29.14
CA SER A 696 -6.41 9.35 -29.87
C SER A 696 -4.90 9.26 -29.71
N ILE A 697 -4.37 8.05 -29.91
CA ILE A 697 -2.95 7.76 -29.85
C ILE A 697 -2.54 7.01 -31.11
N GLN A 698 -1.51 7.50 -31.77
CA GLN A 698 -1.01 6.83 -32.97
C GLN A 698 0.40 6.39 -32.61
N LEU A 699 0.62 5.08 -32.51
CA LEU A 699 1.92 4.59 -32.08
C LEU A 699 3.12 4.90 -32.97
N THR A 700 2.94 4.79 -34.28
CA THR A 700 4.03 5.06 -35.20
C THR A 700 3.48 5.78 -36.42
N GLN A 701 4.37 6.27 -37.28
CA GLN A 701 3.99 7.00 -38.49
C GLN A 701 2.84 6.41 -39.32
N ASP A 702 2.92 5.11 -39.61
CA ASP A 702 1.91 4.44 -40.41
C ASP A 702 0.64 3.95 -39.70
N SER A 703 0.79 3.56 -38.44
CA SER A 703 -0.32 3.02 -37.68
C SER A 703 -1.55 3.93 -37.56
N PRO A 704 -2.70 3.33 -37.21
CA PRO A 704 -3.95 4.06 -37.04
C PRO A 704 -4.01 4.93 -35.79
N HIS A 705 -4.89 5.93 -35.85
CA HIS A 705 -5.13 6.80 -34.71
C HIS A 705 -6.19 6.06 -33.89
N VAL A 706 -5.72 5.37 -32.84
CA VAL A 706 -6.59 4.58 -31.97
C VAL A 706 -7.38 5.45 -31.03
N PRO A 707 -8.72 5.37 -31.01
CA PRO A 707 -9.54 6.19 -30.11
C PRO A 707 -9.21 5.84 -28.68
N VAL A 708 -8.80 6.87 -27.92
CA VAL A 708 -8.47 6.74 -26.47
C VAL A 708 -8.90 8.11 -25.95
N HIS A 709 -10.03 8.15 -25.30
CA HIS A 709 -10.57 9.41 -24.84
C HIS A 709 -10.63 9.57 -23.32
N PHE A 710 -10.07 10.66 -22.79
CA PHE A 710 -10.18 10.95 -21.38
C PHE A 710 -11.49 11.77 -21.16
N LYS A 711 -12.18 11.47 -20.08
CA LYS A 711 -13.38 12.16 -19.72
C LYS A 711 -13.47 12.24 -18.21
N PHE A 712 -13.96 13.33 -17.64
CA PHE A 712 -14.18 13.48 -16.22
C PHE A 712 -15.66 13.44 -15.92
N LEU A 713 -16.09 12.67 -14.92
CA LEU A 713 -17.49 12.52 -14.55
C LEU A 713 -17.64 12.64 -13.05
N LYS A 714 -18.87 12.69 -12.56
CA LYS A 714 -19.10 12.80 -11.16
C LYS A 714 -20.16 11.82 -10.68
N TYR A 715 -19.91 11.21 -9.52
CA TYR A 715 -20.90 10.40 -8.87
C TYR A 715 -21.46 11.24 -7.72
N GLY A 716 -22.71 11.01 -7.36
CA GLY A 716 -23.36 11.69 -6.24
C GLY A 716 -23.64 10.72 -5.12
N VAL A 717 -24.51 11.11 -4.20
CA VAL A 717 -24.87 10.34 -3.01
C VAL A 717 -26.40 10.18 -3.01
N ARG A 718 -26.88 9.13 -2.38
CA ARG A 718 -28.32 8.83 -2.36
C ARG A 718 -29.04 9.78 -1.45
N SER A 719 -30.26 10.13 -1.84
CA SER A 719 -31.05 11.06 -1.03
C SER A 719 -31.87 10.33 0.04
N HIS A 720 -31.93 9.01 -0.05
CA HIS A 720 -32.61 8.19 0.95
C HIS A 720 -31.80 6.90 1.11
N GLY A 721 -31.95 6.27 2.27
CA GLY A 721 -31.23 5.04 2.51
C GLY A 721 -29.80 5.33 2.95
N ASP A 722 -28.95 4.32 2.82
CA ASP A 722 -27.56 4.43 3.25
C ASP A 722 -26.76 5.42 2.39
N ARG A 723 -25.97 6.24 3.10
CA ARG A 723 -25.13 7.24 2.46
C ARG A 723 -23.64 6.82 2.40
N SER A 724 -23.00 7.26 1.31
CA SER A 724 -21.56 7.05 1.15
C SER A 724 -20.87 7.77 2.28
N GLY A 725 -19.70 7.28 2.66
CA GLY A 725 -18.90 7.90 3.73
C GLY A 725 -17.45 7.48 3.49
N ALA A 726 -16.59 7.61 4.48
CA ALA A 726 -15.17 7.28 4.30
C ALA A 726 -14.92 5.83 3.87
N TYR A 727 -15.78 4.91 4.33
CA TYR A 727 -15.65 3.48 4.00
C TYR A 727 -16.42 3.07 2.76
N LEU A 728 -17.71 3.45 2.76
CA LEU A 728 -18.65 2.95 1.72
C LEU A 728 -18.82 3.84 0.51
N PHE A 729 -18.94 3.22 -0.66
CA PHE A 729 -19.26 3.91 -1.90
C PHE A 729 -20.69 3.45 -2.27
N LEU A 730 -21.63 4.38 -2.17
CA LEU A 730 -23.07 4.09 -2.43
C LEU A 730 -23.56 5.15 -3.42
N PRO A 731 -23.12 5.04 -4.67
CA PRO A 731 -23.52 6.04 -5.66
C PRO A 731 -25.00 6.07 -5.97
N ASN A 732 -25.44 7.26 -6.40
CA ASN A 732 -26.86 7.37 -6.81
C ASN A 732 -26.90 7.13 -8.34
N GLY A 733 -26.43 5.97 -8.77
CA GLY A 733 -26.43 5.60 -10.17
C GLY A 733 -25.10 5.90 -10.90
N PRO A 734 -25.00 5.57 -12.18
CA PRO A 734 -23.80 5.82 -12.97
C PRO A 734 -23.45 7.29 -12.94
N ALA A 735 -22.17 7.54 -13.16
CA ALA A 735 -21.68 8.88 -13.13
C ALA A 735 -22.19 9.75 -14.29
N SER A 736 -22.21 11.05 -14.02
CA SER A 736 -22.65 12.04 -14.99
CA SER A 736 -22.70 11.97 -15.09
C SER A 736 -21.47 12.88 -15.46
N PRO A 737 -21.40 13.22 -16.75
CA PRO A 737 -20.26 14.04 -17.19
C PRO A 737 -20.17 15.40 -16.48
N VAL A 738 -18.94 15.80 -16.14
CA VAL A 738 -18.74 17.14 -15.55
C VAL A 738 -18.93 18.15 -16.72
N GLU A 739 -19.70 19.19 -16.48
CA GLU A 739 -19.90 20.24 -17.48
C GLU A 739 -18.61 21.04 -17.54
N LEU A 740 -17.98 21.07 -18.69
CA LEU A 740 -16.66 21.71 -18.79
C LEU A 740 -16.61 23.17 -19.21
N GLY A 741 -17.67 23.66 -19.83
CA GLY A 741 -17.65 25.03 -20.33
C GLY A 741 -16.67 25.14 -21.49
N GLN A 742 -15.94 26.26 -21.62
CA GLN A 742 -14.95 26.42 -22.69
C GLN A 742 -13.65 26.59 -21.90
N PRO A 743 -13.08 25.48 -21.42
CA PRO A 743 -11.84 25.65 -20.63
C PRO A 743 -10.62 26.17 -21.35
N VAL A 744 -9.74 26.78 -20.58
CA VAL A 744 -8.47 27.31 -21.11
C VAL A 744 -7.47 26.18 -21.25
N VAL A 745 -6.87 26.07 -22.40
CA VAL A 745 -5.90 25.00 -22.72
C VAL A 745 -4.54 25.59 -23.02
N LEU A 746 -3.48 25.09 -22.41
CA LEU A 746 -2.12 25.55 -22.61
C LEU A 746 -1.30 24.45 -23.28
N VAL A 747 -0.69 24.73 -24.39
CA VAL A 747 0.11 23.77 -25.13
C VAL A 747 1.55 24.22 -25.13
N THR A 748 2.48 23.43 -24.61
CA THR A 748 3.88 23.75 -24.62
C THR A 748 4.55 22.74 -25.52
N LYS A 749 5.31 23.17 -26.53
CA LYS A 749 5.93 22.26 -27.47
C LYS A 749 7.41 22.44 -27.42
N GLY A 750 8.11 21.37 -27.07
CA GLY A 750 9.55 21.38 -26.95
C GLY A 750 10.20 20.19 -27.61
N LYS A 751 11.50 20.29 -27.80
CA LYS A 751 12.22 19.19 -28.42
C LYS A 751 12.32 17.98 -27.49
N LEU A 752 12.46 18.21 -26.18
CA LEU A 752 12.59 17.12 -25.20
C LEU A 752 11.28 16.81 -24.50
N GLU A 753 10.41 17.80 -24.32
CA GLU A 753 9.19 17.59 -23.59
C GLU A 753 8.10 18.53 -24.09
N SER A 754 6.93 18.01 -24.34
CA SER A 754 5.76 18.79 -24.73
C SER A 754 4.61 18.45 -23.79
N SER A 755 3.56 19.26 -23.78
N SER A 755 3.61 19.32 -23.66
CA SER A 755 2.42 18.97 -22.93
CA SER A 755 2.53 19.11 -22.71
C SER A 755 1.20 19.74 -23.33
C SER A 755 1.25 19.86 -23.12
N VAL A 756 0.08 19.28 -22.82
CA VAL A 756 -1.22 19.92 -23.01
C VAL A 756 -1.82 19.98 -21.61
N SER A 757 -2.20 21.14 -21.10
CA SER A 757 -2.77 21.30 -19.75
C SER A 757 -4.07 22.02 -19.87
N VAL A 758 -5.09 21.64 -19.14
CA VAL A 758 -6.37 22.31 -19.22
C VAL A 758 -6.95 22.51 -17.84
N GLY A 759 -7.52 23.69 -17.59
CA GLY A 759 -8.12 24.02 -16.31
C GLY A 759 -9.56 23.66 -16.29
N LEU A 760 -9.88 22.48 -15.81
CA LEU A 760 -11.27 22.03 -15.74
C LEU A 760 -11.79 22.36 -14.36
N PRO A 761 -13.11 22.24 -14.15
CA PRO A 761 -13.64 22.51 -12.82
C PRO A 761 -13.13 21.24 -12.00
N SER A 762 -12.47 21.60 -10.96
CA SER A 762 -11.89 20.78 -9.95
C SER A 762 -10.60 20.09 -10.34
N VAL A 763 -10.13 20.20 -11.57
CA VAL A 763 -8.93 19.50 -11.93
C VAL A 763 -8.09 20.23 -12.97
N VAL A 764 -6.82 20.49 -12.71
CA VAL A 764 -5.97 20.95 -13.80
C VAL A 764 -5.38 19.60 -14.33
N HIS A 765 -5.74 19.26 -15.57
CA HIS A 765 -5.41 17.97 -16.19
C HIS A 765 -4.26 18.21 -17.15
N GLN A 766 -3.19 17.45 -17.07
CA GLN A 766 -2.05 17.66 -17.90
C GLN A 766 -1.65 16.33 -18.54
C GLN A 766 -1.49 16.35 -18.52
N THR A 767 -1.28 16.37 -19.82
CA THR A 767 -0.74 15.24 -20.55
C THR A 767 0.66 15.63 -20.98
N ILE A 768 1.70 14.94 -20.53
CA ILE A 768 3.11 15.25 -20.79
C ILE A 768 3.75 14.20 -21.66
N MET A 769 4.50 14.65 -22.66
CA MET A 769 5.15 13.76 -23.61
CA MET A 769 5.05 13.72 -23.67
C MET A 769 6.63 13.95 -23.61
C MET A 769 6.54 13.91 -23.70
N ARG A 770 7.29 12.84 -23.50
CA ARG A 770 8.73 12.90 -23.54
C ARG A 770 9.32 11.91 -24.53
N GLY A 771 8.49 11.36 -25.39
CA GLY A 771 9.03 10.43 -26.36
C GLY A 771 8.51 9.02 -26.27
N GLY A 772 7.92 8.69 -25.12
CA GLY A 772 7.37 7.33 -24.94
C GLY A 772 5.91 7.49 -24.47
N ALA A 773 5.42 6.54 -23.67
CA ALA A 773 4.07 6.63 -23.14
C ALA A 773 3.90 7.97 -22.40
N PRO A 774 2.78 8.63 -22.59
CA PRO A 774 2.62 9.91 -21.85
C PRO A 774 2.50 9.76 -20.34
N GLU A 775 2.80 10.83 -19.65
CA GLU A 775 2.58 10.96 -18.22
C GLU A 775 1.35 11.84 -18.06
N ILE A 776 0.41 11.48 -17.20
CA ILE A 776 -0.75 12.31 -16.91
C ILE A 776 -0.61 12.83 -15.49
N ARG A 777 -0.83 14.11 -15.26
CA ARG A 777 -0.86 14.69 -13.91
C ARG A 777 -2.17 15.40 -13.72
N ASN A 778 -2.86 15.14 -12.63
CA ASN A 778 -4.07 15.83 -12.31
C ASN A 778 -3.89 16.59 -10.98
N LEU A 779 -4.03 17.92 -11.01
CA LEU A 779 -4.02 18.67 -9.74
C LEU A 779 -5.49 18.76 -9.38
N VAL A 780 -5.89 17.95 -8.38
CA VAL A 780 -7.29 17.81 -8.03
C VAL A 780 -7.68 18.62 -6.80
N ASP A 781 -8.59 19.56 -6.98
CA ASP A 781 -9.10 20.37 -5.89
C ASP A 781 -10.62 20.36 -5.94
N ILE A 782 -11.22 19.45 -5.23
CA ILE A 782 -12.68 19.29 -5.25
C ILE A 782 -13.38 20.45 -4.59
N GLY A 783 -12.61 21.32 -3.92
CA GLY A 783 -13.16 22.55 -3.36
C GLY A 783 -14.30 22.32 -2.40
N SER A 784 -15.39 23.02 -2.63
CA SER A 784 -16.55 22.86 -1.75
C SER A 784 -17.67 22.04 -2.40
N LEU A 785 -17.32 21.20 -3.38
CA LEU A 785 -18.38 20.39 -4.01
C LEU A 785 -18.85 19.24 -3.11
N ASP A 786 -19.84 19.51 -2.27
CA ASP A 786 -20.28 18.46 -1.37
C ASP A 786 -20.99 17.30 -2.11
N ASN A 787 -20.89 16.17 -1.46
CA ASN A 787 -21.49 14.92 -1.93
C ASN A 787 -21.18 14.61 -3.35
N THR A 788 -19.89 14.69 -3.66
CA THR A 788 -19.42 14.45 -5.01
C THR A 788 -18.16 13.59 -5.04
N GLU A 789 -18.09 12.68 -5.98
CA GLU A 789 -16.86 11.90 -6.19
C GLU A 789 -16.49 12.16 -7.66
N ILE A 790 -15.28 12.62 -7.91
CA ILE A 790 -14.82 12.91 -9.25
C ILE A 790 -14.05 11.70 -9.79
N VAL A 791 -14.44 11.22 -10.98
CA VAL A 791 -13.79 10.09 -11.62
C VAL A 791 -13.19 10.45 -12.92
N MET A 792 -12.02 9.92 -13.22
CA MET A 792 -11.35 10.06 -14.51
C MET A 792 -11.57 8.75 -15.28
N ARG A 793 -12.20 8.83 -16.46
CA ARG A 793 -12.49 7.66 -17.28
C ARG A 793 -11.80 7.73 -18.61
N LEU A 794 -11.36 6.57 -19.07
CA LEU A 794 -10.81 6.34 -20.40
C LEU A 794 -11.81 5.51 -21.21
N GLU A 795 -12.15 6.01 -22.39
CA GLU A 795 -13.08 5.31 -23.29
C GLU A 795 -12.32 4.89 -24.52
N THR A 796 -12.37 3.59 -24.83
CA THR A 796 -11.71 3.07 -25.99
C THR A 796 -12.67 2.10 -26.70
N HIS A 797 -12.24 1.58 -27.83
N HIS A 797 -12.14 1.56 -27.82
CA HIS A 797 -13.17 0.64 -28.42
CA HIS A 797 -12.86 0.56 -28.66
C HIS A 797 -12.62 -0.80 -28.22
C HIS A 797 -12.27 -0.82 -28.50
N ILE A 798 -11.52 -0.99 -27.41
CA ILE A 798 -10.90 -2.31 -27.10
C ILE A 798 -12.04 -3.22 -26.66
N ASP A 799 -12.06 -4.43 -27.28
CA ASP A 799 -13.12 -5.39 -27.01
C ASP A 799 -12.82 -6.26 -25.78
N SER A 800 -12.81 -5.59 -24.62
CA SER A 800 -12.51 -6.24 -23.37
C SER A 800 -13.68 -6.97 -22.77
N GLY A 801 -14.91 -6.64 -23.15
CA GLY A 801 -16.03 -7.36 -22.60
C GLY A 801 -16.24 -7.03 -21.16
N ASP A 802 -16.23 -8.04 -20.31
CA ASP A 802 -16.40 -7.84 -18.89
C ASP A 802 -15.10 -8.08 -18.11
N ILE A 803 -13.98 -8.17 -18.78
CA ILE A 803 -12.71 -8.48 -18.11
C ILE A 803 -11.82 -7.27 -17.98
N PHE A 804 -11.14 -7.16 -16.83
CA PHE A 804 -10.13 -6.12 -16.64
C PHE A 804 -9.15 -6.64 -15.60
N TYR A 805 -8.03 -5.96 -15.43
CA TYR A 805 -7.01 -6.40 -14.51
C TYR A 805 -6.65 -5.25 -13.61
N THR A 806 -6.45 -5.58 -12.33
CA THR A 806 -6.00 -4.56 -11.35
C THR A 806 -4.88 -5.21 -10.54
N ASP A 807 -4.02 -4.40 -9.91
CA ASP A 807 -2.96 -4.98 -9.11
C ASP A 807 -3.32 -5.13 -7.66
N LEU A 808 -2.53 -5.98 -6.99
CA LEU A 808 -2.65 -6.19 -5.54
C LEU A 808 -1.33 -5.76 -4.92
N ASN A 809 -1.39 -4.66 -4.17
CA ASN A 809 -0.25 -4.17 -3.40
C ASN A 809 0.98 -3.93 -4.24
N GLY A 810 0.84 -3.58 -5.51
CA GLY A 810 2.04 -3.34 -6.33
C GLY A 810 2.85 -4.57 -6.62
N LEU A 811 2.30 -5.76 -6.34
CA LEU A 811 3.05 -7.01 -6.44
C LEU A 811 2.64 -7.91 -7.61
N GLN A 812 1.35 -7.91 -7.95
CA GLN A 812 0.83 -8.86 -8.91
C GLN A 812 -0.42 -8.29 -9.52
N PHE A 813 -0.78 -8.71 -10.71
CA PHE A 813 -2.01 -8.29 -11.38
C PHE A 813 -2.97 -9.46 -11.37
N ILE A 814 -4.18 -9.19 -10.96
CA ILE A 814 -5.21 -10.19 -10.87
C ILE A 814 -6.36 -9.90 -11.82
N LYS A 815 -6.88 -10.95 -12.48
CA LYS A 815 -8.01 -10.78 -13.38
C LYS A 815 -9.28 -10.52 -12.60
N ARG A 816 -10.01 -9.51 -13.07
CA ARG A 816 -11.29 -9.14 -12.56
C ARG A 816 -12.37 -9.38 -13.62
N ARG A 817 -13.56 -9.73 -13.16
CA ARG A 817 -14.69 -9.83 -14.08
C ARG A 817 -15.80 -8.96 -13.53
N ARG A 818 -16.23 -7.98 -14.36
CA ARG A 818 -17.35 -7.14 -13.99
C ARG A 818 -18.60 -8.01 -13.89
N LEU A 819 -19.38 -7.86 -12.83
CA LEU A 819 -20.57 -8.70 -12.63
C LEU A 819 -21.78 -7.81 -12.51
N ASP A 820 -22.64 -7.92 -13.53
CA ASP A 820 -23.83 -7.10 -13.53
C ASP A 820 -24.85 -7.58 -12.49
N LYS A 821 -24.64 -8.78 -11.91
CA LYS A 821 -25.54 -9.23 -10.85
C LYS A 821 -25.20 -8.52 -9.54
N LEU A 822 -24.07 -7.76 -9.51
CA LEU A 822 -23.70 -6.98 -8.28
C LEU A 822 -23.84 -5.49 -8.62
N PRO A 823 -24.06 -4.66 -7.59
CA PRO A 823 -24.19 -3.21 -7.83
C PRO A 823 -22.87 -2.58 -8.27
N LEU A 824 -22.97 -1.38 -8.84
CA LEU A 824 -21.82 -0.68 -9.33
C LEU A 824 -20.61 -0.66 -8.34
N GLN A 825 -20.88 -0.31 -7.10
CA GLN A 825 -19.80 -0.20 -6.11
C GLN A 825 -19.08 -1.50 -5.81
N ALA A 826 -19.72 -2.65 -6.08
CA ALA A 826 -19.09 -3.95 -5.88
C ALA A 826 -18.07 -4.23 -6.98
N ASN A 827 -18.20 -3.54 -8.13
CA ASN A 827 -17.30 -3.72 -9.26
C ASN A 827 -16.06 -2.81 -9.21
N TYR A 828 -16.02 -1.99 -8.16
CA TYR A 828 -14.84 -1.16 -7.88
C TYR A 828 -13.85 -1.98 -7.08
N TYR A 829 -12.57 -1.88 -7.43
CA TYR A 829 -11.48 -2.60 -6.78
C TYR A 829 -10.34 -1.63 -6.49
N PRO A 830 -9.45 -2.04 -5.57
CA PRO A 830 -8.31 -1.14 -5.31
C PRO A 830 -7.45 -1.08 -6.58
N ILE A 831 -6.88 0.10 -6.86
CA ILE A 831 -5.91 0.26 -7.96
C ILE A 831 -4.65 0.80 -7.21
N PRO A 832 -3.93 -0.11 -6.54
CA PRO A 832 -2.75 0.37 -5.79
C PRO A 832 -1.64 0.82 -6.66
N SER A 833 -1.47 0.29 -7.88
CA SER A 833 -0.40 0.77 -8.74
C SER A 833 -0.73 0.67 -10.25
N GLY A 834 -1.78 -0.05 -10.64
CA GLY A 834 -2.11 -0.06 -12.06
C GLY A 834 -3.30 -0.91 -12.41
N MET A 835 -3.77 -0.74 -13.64
CA MET A 835 -4.91 -1.49 -14.14
C MET A 835 -4.81 -1.54 -15.66
N PHE A 836 -5.44 -2.55 -16.26
CA PHE A 836 -5.42 -2.61 -17.73
C PHE A 836 -6.60 -3.38 -18.25
N ILE A 837 -6.92 -3.06 -19.51
CA ILE A 837 -7.90 -3.82 -20.32
C ILE A 837 -7.21 -4.24 -21.62
N GLU A 838 -7.68 -5.35 -22.17
CA GLU A 838 -7.13 -5.83 -23.42
C GLU A 838 -8.10 -6.72 -24.19
N ASP A 839 -7.81 -6.79 -25.48
CA ASP A 839 -8.50 -7.77 -26.33
C ASP A 839 -7.42 -8.58 -27.01
N ALA A 840 -7.75 -9.32 -28.08
CA ALA A 840 -6.74 -10.11 -28.73
C ALA A 840 -5.53 -9.32 -29.24
N ASN A 841 -5.78 -8.08 -29.64
CA ASN A 841 -4.74 -7.27 -30.26
C ASN A 841 -4.14 -6.07 -29.54
N THR A 842 -4.97 -5.48 -28.67
CA THR A 842 -4.62 -4.21 -28.06
C THR A 842 -4.82 -4.25 -26.57
N ARG A 843 -3.93 -3.51 -25.89
CA ARG A 843 -4.01 -3.35 -24.43
C ARG A 843 -3.82 -1.86 -24.10
N LEU A 844 -4.56 -1.42 -23.08
CA LEU A 844 -4.37 -0.06 -22.54
C LEU A 844 -4.13 -0.25 -21.02
N THR A 845 -2.95 0.18 -20.57
CA THR A 845 -2.57 0.07 -19.15
C THR A 845 -2.41 1.49 -18.57
N LEU A 846 -3.01 1.70 -17.42
CA LEU A 846 -2.89 2.97 -16.70
C LEU A 846 -2.11 2.64 -15.41
N LEU A 847 -0.91 3.18 -15.26
CA LEU A 847 -0.09 2.99 -14.04
C LEU A 847 -0.31 4.21 -13.15
N THR A 848 -0.29 4.00 -11.84
CA THR A 848 -0.55 5.11 -10.89
C THR A 848 0.60 5.35 -9.93
N GLY A 849 0.70 6.59 -9.46
CA GLY A 849 1.68 6.95 -8.47
C GLY A 849 1.04 7.04 -7.07
N GLN A 850 -0.18 6.55 -6.94
CA GLN A 850 -0.91 6.56 -5.68
C GLN A 850 -2.04 5.57 -5.75
N PRO A 851 -2.43 4.94 -4.65
CA PRO A 851 -3.56 3.99 -4.68
C PRO A 851 -4.88 4.76 -4.70
N LEU A 852 -5.78 4.33 -5.61
CA LEU A 852 -7.10 4.93 -5.79
C LEU A 852 -8.09 3.82 -6.17
N GLY A 853 -9.38 4.04 -6.07
CA GLY A 853 -10.33 3.03 -6.51
C GLY A 853 -10.68 3.11 -7.97
N GLY A 854 -10.99 1.98 -8.58
CA GLY A 854 -11.33 2.04 -10.00
C GLY A 854 -12.04 0.78 -10.50
N SER A 855 -12.38 0.82 -11.79
CA SER A 855 -13.12 -0.29 -12.37
C SER A 855 -13.06 -0.16 -13.88
N SER A 856 -13.77 -1.12 -14.49
CA SER A 856 -14.05 -1.08 -15.96
C SER A 856 -15.55 -1.40 -16.01
N LEU A 857 -16.42 -0.38 -16.08
CA LEU A 857 -17.86 -0.60 -16.02
C LEU A 857 -18.52 -0.93 -17.34
N ALA A 858 -17.75 -0.91 -18.40
CA ALA A 858 -18.24 -1.29 -19.73
C ALA A 858 -17.08 -1.67 -20.54
N SER A 859 -17.30 -2.50 -21.56
CA SER A 859 -16.26 -2.93 -22.42
C SER A 859 -15.52 -1.73 -23.00
N GLY A 860 -14.22 -1.81 -23.05
CA GLY A 860 -13.42 -0.72 -23.57
C GLY A 860 -13.12 0.39 -22.57
N GLU A 861 -13.66 0.36 -21.37
CA GLU A 861 -13.39 1.45 -20.43
C GLU A 861 -12.47 1.16 -19.27
N LEU A 862 -11.85 2.20 -18.75
CA LEU A 862 -11.08 2.10 -17.48
C LEU A 862 -11.52 3.35 -16.71
N GLU A 863 -11.67 3.30 -15.39
CA GLU A 863 -11.93 4.53 -14.68
C GLU A 863 -11.29 4.46 -13.33
N ILE A 864 -10.93 5.63 -12.82
CA ILE A 864 -10.22 5.69 -11.51
C ILE A 864 -10.68 6.96 -10.79
N MET A 865 -11.07 6.77 -9.54
CA MET A 865 -11.56 7.89 -8.75
C MET A 865 -10.43 8.82 -8.33
N GLN A 866 -10.69 10.12 -8.39
CA GLN A 866 -9.68 11.14 -8.06
C GLN A 866 -9.80 11.67 -6.64
N ASP A 867 -11.01 12.00 -6.22
CA ASP A 867 -11.25 12.43 -4.85
C ASP A 867 -12.75 12.32 -4.55
N ARG A 868 -13.12 12.40 -3.28
CA ARG A 868 -14.51 12.29 -2.92
C ARG A 868 -14.70 13.19 -1.70
N ARG A 869 -15.82 13.94 -1.70
CA ARG A 869 -16.15 14.88 -0.61
C ARG A 869 -17.58 14.55 -0.23
N LEU A 870 -17.73 14.10 1.02
CA LEU A 870 -19.00 13.56 1.52
C LEU A 870 -19.41 14.19 2.80
N ALA A 871 -20.61 14.77 2.80
CA ALA A 871 -21.10 15.42 4.02
C ALA A 871 -21.65 14.42 5.04
N SER A 872 -22.06 13.25 4.58
CA SER A 872 -22.61 12.31 5.54
C SER A 872 -21.65 11.25 6.06
N ASP A 873 -21.98 10.74 7.23
CA ASP A 873 -21.24 9.66 7.89
C ASP A 873 -21.89 8.35 7.40
N ASP A 874 -21.10 7.28 7.26
CA ASP A 874 -21.63 6.00 6.78
C ASP A 874 -21.92 5.00 7.88
N GLU A 875 -22.07 5.50 9.10
CA GLU A 875 -22.49 4.67 10.22
C GLU A 875 -21.67 3.47 10.58
N ARG A 876 -20.36 3.61 10.49
CA ARG A 876 -19.49 2.53 10.91
C ARG A 876 -18.75 2.90 12.18
N GLY A 877 -18.96 4.12 12.69
CA GLY A 877 -18.34 4.53 13.93
C GLY A 877 -17.35 5.67 13.83
N LEU A 878 -17.03 6.10 12.61
CA LEU A 878 -16.09 7.21 12.45
C LEU A 878 -16.72 8.54 12.92
N GLY A 879 -18.04 8.66 12.75
CA GLY A 879 -18.76 9.83 13.26
C GLY A 879 -18.52 11.14 12.52
N GLN A 880 -18.14 11.06 11.25
CA GLN A 880 -17.99 12.27 10.43
C GLN A 880 -17.95 11.86 8.97
N GLY A 881 -18.19 12.85 8.11
CA GLY A 881 -18.07 12.66 6.67
C GLY A 881 -16.60 12.88 6.29
N VAL A 882 -16.38 13.20 5.01
CA VAL A 882 -15.05 13.46 4.48
C VAL A 882 -15.15 14.85 3.91
N LEU A 883 -14.75 15.85 4.68
CA LEU A 883 -14.85 17.26 4.23
C LEU A 883 -13.53 18.00 4.38
N ASP A 884 -12.45 17.28 4.56
CA ASP A 884 -11.13 17.85 4.77
C ASP A 884 -10.22 17.72 3.55
N ASN A 885 -10.85 17.68 2.39
CA ASN A 885 -10.12 17.59 1.14
C ASN A 885 -9.14 18.72 0.96
N LYS A 886 -8.03 18.43 0.31
CA LYS A 886 -7.03 19.44 -0.03
C LYS A 886 -6.45 19.11 -1.38
N PRO A 887 -5.89 20.08 -2.07
CA PRO A 887 -5.33 19.84 -3.39
C PRO A 887 -4.28 18.74 -3.36
N VAL A 888 -4.39 17.84 -4.34
CA VAL A 888 -3.46 16.74 -4.46
C VAL A 888 -3.05 16.59 -5.92
N LEU A 889 -1.78 16.33 -6.16
CA LEU A 889 -1.29 16.07 -7.52
C LEU A 889 -1.17 14.56 -7.78
N HIS A 890 -2.13 14.00 -8.48
CA HIS A 890 -2.10 12.56 -8.86
C HIS A 890 -1.29 12.40 -10.12
N ILE A 891 -0.51 11.34 -10.17
CA ILE A 891 0.34 11.11 -11.37
C ILE A 891 0.10 9.71 -11.95
N TYR A 892 0.28 9.59 -13.26
CA TYR A 892 0.01 8.36 -13.98
C TYR A 892 0.87 8.25 -15.20
N ARG A 893 0.97 7.03 -15.74
CA ARG A 893 1.53 6.83 -17.11
C ARG A 893 0.43 6.04 -17.85
N LEU A 894 0.26 6.36 -19.14
CA LEU A 894 -0.79 5.73 -19.99
C LEU A 894 -0.09 5.01 -21.14
N VAL A 895 -0.13 3.67 -21.14
CA VAL A 895 0.57 2.86 -22.13
C VAL A 895 -0.40 2.10 -23.02
N LEU A 896 -0.44 2.47 -24.31
CA LEU A 896 -1.28 1.77 -25.31
C LEU A 896 -0.27 0.91 -26.06
N GLU A 897 -0.59 -0.38 -26.20
CA GLU A 897 0.33 -1.32 -26.87
C GLU A 897 -0.40 -2.37 -27.67
N LYS A 898 0.30 -2.86 -28.68
CA LYS A 898 -0.17 -4.01 -29.46
C LYS A 898 0.30 -5.26 -28.68
N VAL A 899 -0.61 -6.18 -28.42
CA VAL A 899 -0.28 -7.39 -27.67
C VAL A 899 -0.57 -8.70 -28.41
N ASN A 900 -0.87 -8.61 -29.70
CA ASN A 900 -1.19 -9.80 -30.47
C ASN A 900 -0.02 -10.79 -30.52
N ASN A 901 1.20 -10.32 -30.40
CA ASN A 901 2.36 -11.22 -30.41
C ASN A 901 2.82 -11.65 -29.04
N CYS A 902 2.19 -11.18 -27.97
CA CYS A 902 2.66 -11.53 -26.64
C CYS A 902 2.20 -12.91 -26.21
N VAL A 903 3.07 -13.60 -25.47
CA VAL A 903 2.70 -14.92 -24.94
C VAL A 903 1.94 -14.64 -23.61
N ARG A 904 0.64 -14.77 -23.63
CA ARG A 904 -0.18 -14.46 -22.47
C ARG A 904 -0.73 -15.73 -21.85
N PRO A 905 -1.18 -15.63 -20.59
CA PRO A 905 -1.77 -16.81 -19.96
C PRO A 905 -3.01 -17.23 -20.73
N SER A 906 -3.44 -18.48 -20.54
CA SER A 906 -4.66 -18.96 -21.17
C SER A 906 -5.88 -18.27 -20.56
N LYS A 907 -7.03 -18.44 -21.20
CA LYS A 907 -8.26 -17.81 -20.74
C LYS A 907 -8.69 -18.21 -19.35
N LEU A 908 -8.24 -19.34 -18.85
CA LEU A 908 -8.65 -19.76 -17.50
C LEU A 908 -7.67 -19.34 -16.43
N HIS A 909 -6.55 -18.74 -16.81
CA HIS A 909 -5.58 -18.36 -15.78
C HIS A 909 -6.11 -17.11 -15.01
N PRO A 910 -5.96 -17.09 -13.69
CA PRO A 910 -6.48 -15.93 -12.93
C PRO A 910 -5.56 -14.71 -12.89
N ALA A 911 -4.36 -14.78 -13.43
CA ALA A 911 -3.40 -13.63 -13.38
C ALA A 911 -3.20 -12.97 -14.71
N GLY A 912 -2.64 -11.76 -14.67
CA GLY A 912 -2.18 -11.06 -15.86
C GLY A 912 -0.80 -10.54 -15.54
N TYR A 913 -0.06 -10.11 -16.57
CA TYR A 913 1.32 -9.62 -16.41
C TYR A 913 1.54 -8.40 -17.28
N LEU A 914 2.39 -7.51 -16.80
CA LEU A 914 2.72 -6.30 -17.55
C LEU A 914 3.73 -6.62 -18.61
N THR A 915 3.80 -5.72 -19.59
CA THR A 915 4.86 -5.72 -20.57
C THR A 915 6.06 -4.93 -20.01
N SER A 916 7.23 -5.03 -20.62
CA SER A 916 8.37 -4.26 -20.22
C SER A 916 8.08 -2.77 -20.16
N ALA A 917 7.42 -2.22 -21.18
CA ALA A 917 7.20 -0.78 -21.16
C ALA A 917 6.30 -0.36 -20.01
N ALA A 918 5.25 -1.14 -19.72
CA ALA A 918 4.38 -0.77 -18.62
C ALA A 918 5.06 -0.89 -17.27
N HIS A 919 5.90 -1.91 -17.08
CA HIS A 919 6.59 -2.07 -15.81
C HIS A 919 7.57 -0.88 -15.66
N LYS A 920 8.32 -0.51 -16.71
CA LYS A 920 9.23 0.61 -16.57
C LYS A 920 8.44 1.88 -16.30
N ALA A 921 7.26 2.02 -16.90
CA ALA A 921 6.47 3.22 -16.63
C ALA A 921 6.06 3.25 -15.15
N SER A 922 5.66 2.10 -14.58
CA SER A 922 5.31 2.05 -13.15
C SER A 922 6.53 2.45 -12.31
N GLN A 923 7.70 1.93 -12.63
CA GLN A 923 8.92 2.30 -11.87
C GLN A 923 9.20 3.80 -12.00
N SER A 924 8.89 4.42 -13.15
CA SER A 924 9.14 5.86 -13.31
C SER A 924 8.28 6.69 -12.37
N LEU A 925 7.13 6.15 -11.99
CA LEU A 925 6.21 6.83 -11.07
C LEU A 925 6.61 6.56 -9.61
N LEU A 926 6.91 5.32 -9.27
CA LEU A 926 7.16 4.97 -7.87
C LEU A 926 8.56 5.20 -7.40
N ASP A 927 9.54 5.00 -8.28
CA ASP A 927 10.94 5.15 -7.88
C ASP A 927 11.69 5.96 -8.91
N PRO A 928 11.31 7.24 -9.05
CA PRO A 928 11.97 8.14 -10.01
C PRO A 928 13.42 8.40 -9.55
N LEU A 929 14.21 9.04 -10.40
CA LEU A 929 15.50 9.56 -9.97
C LEU A 929 15.29 10.58 -8.84
N ASP A 930 16.17 10.60 -7.86
CA ASP A 930 16.18 11.65 -6.84
C ASP A 930 17.10 12.77 -7.32
N LYS A 931 16.75 14.00 -7.00
CA LYS A 931 17.51 15.18 -7.42
C LYS A 931 17.99 15.99 -6.25
N PHE A 932 19.27 16.32 -6.26
CA PHE A 932 19.93 17.06 -5.17
C PHE A 932 20.58 18.33 -5.72
N ILE A 933 20.40 19.43 -5.01
CA ILE A 933 20.96 20.72 -5.47
C ILE A 933 22.02 21.07 -4.43
N PHE A 934 23.29 21.27 -4.82
CA PHE A 934 24.33 21.61 -3.86
C PHE A 934 23.98 22.97 -3.20
N ALA A 935 24.03 23.06 -1.88
CA ALA A 935 23.56 24.28 -1.22
C ALA A 935 24.55 25.45 -1.23
N GLU A 936 25.83 25.16 -1.05
CA GLU A 936 26.83 26.23 -0.96
C GLU A 936 27.30 26.67 -2.35
N ASN A 937 28.19 27.67 -2.38
CA ASN A 937 28.65 28.16 -3.66
C ASN A 937 29.62 27.25 -4.36
N GLU A 938 30.52 26.61 -3.58
CA GLU A 938 31.54 25.78 -4.17
C GLU A 938 31.63 24.43 -3.48
N TRP A 939 31.68 23.35 -4.28
CA TRP A 939 31.80 22.00 -3.71
C TRP A 939 33.23 21.52 -3.92
N ILE A 940 34.07 21.66 -2.90
CA ILE A 940 35.47 21.25 -3.09
C ILE A 940 35.61 19.70 -3.04
N GLY A 941 36.33 19.12 -4.01
CA GLY A 941 36.52 17.67 -4.00
C GLY A 941 35.37 16.90 -4.67
N ALA A 942 34.50 17.60 -5.39
CA ALA A 942 33.36 16.98 -6.04
C ALA A 942 33.76 15.95 -7.04
N GLN A 943 33.05 14.83 -7.08
CA GLN A 943 33.27 13.76 -8.02
C GLN A 943 32.08 13.62 -8.96
N GLY A 944 32.29 13.03 -10.11
CA GLY A 944 31.28 13.01 -11.11
C GLY A 944 30.29 11.86 -11.13
N GLN A 945 30.66 10.78 -10.46
CA GLN A 945 29.79 9.62 -10.50
C GLN A 945 30.11 8.66 -9.39
N PHE A 946 29.08 7.88 -8.99
CA PHE A 946 29.24 6.77 -8.04
C PHE A 946 28.46 5.60 -8.60
N GLY A 947 29.02 4.39 -8.54
CA GLY A 947 28.30 3.22 -8.96
C GLY A 947 28.50 2.79 -10.37
N GLY A 948 29.45 3.42 -11.10
CA GLY A 948 29.66 3.04 -12.50
C GLY A 948 30.04 1.58 -12.66
N ASP A 949 30.60 0.97 -11.61
CA ASP A 949 30.97 -0.44 -11.66
C ASP A 949 29.92 -1.39 -11.07
N HIS A 950 28.74 -0.86 -10.72
CA HIS A 950 27.68 -1.73 -10.17
C HIS A 950 27.05 -2.49 -11.34
N PRO A 951 26.71 -3.78 -11.15
CA PRO A 951 26.11 -4.55 -12.24
C PRO A 951 24.76 -3.97 -12.66
N SER A 952 24.48 -4.00 -13.94
CA SER A 952 23.22 -3.51 -14.46
C SER A 952 22.37 -4.76 -14.70
N ALA A 953 21.45 -5.02 -13.78
CA ALA A 953 20.65 -6.24 -13.77
C ALA A 953 19.52 -6.28 -14.74
N ARG A 954 19.08 -7.48 -15.10
CA ARG A 954 17.98 -7.65 -15.99
C ARG A 954 16.78 -6.79 -15.50
N GLU A 955 16.00 -6.30 -16.45
CA GLU A 955 14.97 -5.32 -16.16
C GLU A 955 13.88 -5.80 -15.22
N ASP A 956 13.64 -7.11 -15.15
CA ASP A 956 12.57 -7.58 -14.25
C ASP A 956 13.03 -7.74 -12.83
N LEU A 957 14.29 -7.48 -12.53
CA LEU A 957 14.82 -7.65 -11.17
C LEU A 957 14.96 -6.33 -10.46
N ASP A 958 14.56 -6.27 -9.19
CA ASP A 958 14.76 -5.08 -8.38
C ASP A 958 15.39 -5.42 -7.04
N VAL A 959 16.20 -4.48 -6.55
CA VAL A 959 16.72 -4.55 -5.18
C VAL A 959 15.71 -3.66 -4.42
N SER A 960 14.65 -4.30 -3.92
CA SER A 960 13.56 -3.61 -3.25
C SER A 960 14.02 -2.93 -2.00
N VAL A 961 14.92 -3.59 -1.27
CA VAL A 961 15.50 -3.06 -0.02
C VAL A 961 16.99 -3.31 0.03
N MET A 962 17.74 -2.27 0.40
CA MET A 962 19.13 -2.42 0.80
C MET A 962 19.21 -1.71 2.15
N ARG A 963 19.64 -2.44 3.18
CA ARG A 963 19.67 -1.90 4.52
C ARG A 963 20.84 -2.42 5.31
N ARG A 964 21.71 -1.53 5.80
CA ARG A 964 22.78 -2.01 6.69
C ARG A 964 22.11 -2.37 8.02
N LEU A 965 22.46 -3.53 8.56
CA LEU A 965 21.79 -4.08 9.73
C LEU A 965 22.58 -3.91 11.02
N THR A 966 23.84 -3.45 10.91
CA THR A 966 24.74 -3.28 12.06
C THR A 966 25.17 -1.85 12.22
N LYS A 967 25.39 -1.46 13.47
CA LYS A 967 25.93 -0.12 13.79
C LYS A 967 27.46 -0.21 13.63
N SER A 968 28.13 0.95 13.72
CA SER A 968 29.57 0.98 13.45
C SER A 968 30.46 0.25 14.44
N SER A 969 29.95 0.00 15.63
CA SER A 969 30.75 -0.74 16.63
C SER A 969 30.87 -2.23 16.36
N ALA A 970 30.06 -2.80 15.46
CA ALA A 970 30.12 -4.23 15.16
C ALA A 970 31.35 -4.62 14.33
N LYS A 971 32.15 -5.56 14.88
CA LYS A 971 33.33 -6.01 14.15
C LYS A 971 32.94 -6.58 12.79
N THR A 972 31.86 -7.37 12.75
CA THR A 972 31.39 -7.94 11.48
C THR A 972 30.15 -7.14 11.03
N GLN A 973 30.31 -6.39 9.95
CA GLN A 973 29.19 -5.58 9.41
C GLN A 973 28.26 -6.49 8.60
N ARG A 974 26.95 -6.21 8.63
CA ARG A 974 25.98 -7.01 7.90
C ARG A 974 25.09 -6.06 7.12
N VAL A 975 24.82 -6.45 5.90
CA VAL A 975 23.95 -5.66 5.00
C VAL A 975 22.91 -6.61 4.44
N GLY A 976 21.64 -6.19 4.54
CA GLY A 976 20.50 -6.97 4.07
C GLY A 976 19.94 -6.43 2.79
N TYR A 977 19.55 -7.35 1.91
CA TYR A 977 18.95 -7.02 0.62
C TYR A 977 17.66 -7.84 0.44
N VAL A 978 16.62 -7.18 -0.09
CA VAL A 978 15.44 -7.92 -0.50
C VAL A 978 15.43 -7.79 -2.03
N LEU A 979 15.46 -8.92 -2.73
CA LEU A 979 15.51 -9.00 -4.19
CA LEU A 979 15.36 -8.92 -4.14
C LEU A 979 14.17 -9.51 -4.72
C LEU A 979 14.00 -9.39 -4.58
N HIS A 980 13.49 -8.72 -5.57
CA HIS A 980 12.21 -9.12 -6.12
C HIS A 980 12.29 -9.25 -7.65
N ARG A 981 11.82 -10.36 -8.20
CA ARG A 981 11.75 -10.47 -9.65
C ARG A 981 10.30 -10.49 -10.05
N THR A 982 9.90 -9.58 -10.92
CA THR A 982 8.52 -9.61 -11.40
C THR A 982 8.48 -10.56 -12.62
N ASN A 983 7.37 -10.61 -13.32
CA ASN A 983 7.31 -11.43 -14.54
C ASN A 983 6.71 -10.53 -15.64
N LEU A 984 7.47 -10.36 -16.69
CA LEU A 984 7.06 -9.51 -17.82
C LEU A 984 6.75 -10.37 -19.02
N MET A 985 5.77 -9.95 -19.78
CA MET A 985 5.40 -10.74 -20.98
C MET A 985 6.43 -10.77 -22.04
N GLN A 986 6.52 -11.94 -22.67
CA GLN A 986 7.43 -12.17 -23.80
C GLN A 986 6.61 -11.70 -25.00
N CYS A 987 7.07 -10.65 -25.69
CA CYS A 987 6.34 -10.16 -26.87
C CYS A 987 7.20 -10.06 -28.12
N GLY A 988 8.32 -10.77 -28.15
CA GLY A 988 9.16 -10.75 -29.35
C GLY A 988 10.33 -9.80 -29.37
N THR A 989 10.62 -9.15 -28.25
CA THR A 989 11.76 -8.25 -28.22
C THR A 989 12.95 -8.99 -27.69
N PRO A 990 14.03 -9.06 -28.50
CA PRO A 990 15.22 -9.78 -28.05
C PRO A 990 15.77 -9.21 -26.75
N GLU A 991 15.74 -7.88 -26.62
CA GLU A 991 16.28 -7.17 -25.44
C GLU A 991 17.05 -8.04 -24.43
N GLU A 992 18.38 -8.03 -24.54
CA GLU A 992 19.19 -8.85 -23.64
C GLU A 992 20.43 -8.17 -23.05
N HIS A 993 21.56 -8.87 -23.15
CA HIS A 993 22.86 -8.42 -22.63
C HIS A 993 22.85 -7.62 -21.32
N THR A 994 22.73 -8.34 -20.20
CA THR A 994 22.75 -7.72 -18.88
C THR A 994 23.74 -8.48 -18.00
N GLN A 995 24.08 -7.93 -16.84
CA GLN A 995 25.02 -8.60 -15.97
C GLN A 995 24.28 -9.26 -14.80
N LYS A 996 24.84 -10.36 -14.33
CA LYS A 996 24.29 -11.05 -13.18
C LYS A 996 24.49 -10.13 -11.97
N LEU A 997 23.46 -10.02 -11.13
CA LEU A 997 23.61 -9.21 -9.95
C LEU A 997 23.77 -10.12 -8.74
N ASP A 998 24.92 -10.00 -8.07
CA ASP A 998 25.18 -10.74 -6.85
C ASP A 998 25.29 -9.67 -5.75
N VAL A 999 24.20 -9.53 -5.00
CA VAL A 999 24.19 -8.50 -3.98
C VAL A 999 25.22 -8.74 -2.89
N CYS A 1000 25.64 -9.99 -2.71
CA CYS A 1000 26.61 -10.24 -1.64
C CYS A 1000 28.00 -9.68 -1.90
N HIS A 1001 28.28 -9.35 -3.16
CA HIS A 1001 29.56 -8.75 -3.51
C HIS A 1001 29.46 -7.24 -3.82
N LEU A 1002 28.33 -6.59 -3.52
CA LEU A 1002 28.24 -5.15 -3.75
C LEU A 1002 29.13 -4.36 -2.79
N LEU A 1003 29.37 -4.87 -1.60
CA LEU A 1003 30.26 -4.23 -0.65
C LEU A 1003 31.50 -5.11 -0.60
N PRO A 1004 32.67 -4.50 -0.41
CA PRO A 1004 33.92 -5.27 -0.37
C PRO A 1004 34.10 -6.09 0.89
N ASN A 1005 35.08 -6.98 0.78
CA ASN A 1005 35.48 -7.82 1.90
C ASN A 1005 34.38 -8.72 2.45
N VAL A 1006 33.60 -9.32 1.56
CA VAL A 1006 32.56 -10.21 2.02
C VAL A 1006 33.20 -11.49 2.63
N ALA A 1007 32.67 -11.89 3.77
CA ALA A 1007 33.15 -13.04 4.51
C ALA A 1007 32.07 -14.13 4.59
N ARG A 1008 30.80 -13.79 4.31
CA ARG A 1008 29.72 -14.77 4.37
C ARG A 1008 28.50 -14.19 3.66
N CYS A 1009 27.71 -15.06 3.07
CA CYS A 1009 26.47 -14.62 2.42
C CYS A 1009 25.41 -15.66 2.83
N GLU A 1010 24.27 -15.20 3.33
CA GLU A 1010 23.22 -16.07 3.80
C GLU A 1010 21.88 -15.67 3.20
N ARG A 1011 21.07 -16.65 2.86
CA ARG A 1011 19.67 -16.37 2.48
C ARG A 1011 18.91 -16.35 3.80
N THR A 1012 18.03 -15.35 3.97
CA THR A 1012 17.27 -15.20 5.22
C THR A 1012 15.78 -15.05 4.90
N THR A 1013 15.00 -15.10 5.98
CA THR A 1013 13.60 -14.71 5.86
C THR A 1013 13.55 -13.22 5.42
N LEU A 1014 12.38 -12.75 4.91
CA LEU A 1014 12.32 -11.38 4.36
C LEU A 1014 12.53 -10.27 5.36
N THR A 1015 12.36 -10.58 6.65
CA THR A 1015 12.54 -9.67 7.76
C THR A 1015 14.01 -9.67 8.23
N PHE A 1016 14.86 -10.49 7.60
CA PHE A 1016 16.28 -10.67 7.96
C PHE A 1016 16.48 -11.35 9.31
N LEU A 1017 15.44 -11.88 9.93
CA LEU A 1017 15.57 -12.39 11.29
C LEU A 1017 15.97 -13.82 11.45
N GLN A 1018 15.96 -14.64 10.41
CA GLN A 1018 16.38 -16.03 10.50
C GLN A 1018 17.19 -16.42 9.28
N ASN A 1019 18.33 -17.09 9.51
CA ASN A 1019 19.18 -17.54 8.42
C ASN A 1019 18.62 -18.84 7.91
N LEU A 1020 18.43 -18.96 6.61
CA LEU A 1020 17.86 -20.13 6.00
C LEU A 1020 18.86 -20.96 5.22
N GLU A 1021 19.91 -20.34 4.70
CA GLU A 1021 20.91 -21.06 3.93
C GLU A 1021 22.24 -20.33 3.92
N HIS A 1022 23.35 -21.07 4.05
CA HIS A 1022 24.68 -20.50 4.02
C HIS A 1022 25.04 -20.69 2.53
N LEU A 1023 25.42 -19.63 1.85
CA LEU A 1023 25.63 -19.72 0.43
C LEU A 1023 27.05 -19.94 -0.02
N ASP A 1024 27.18 -20.94 -0.89
CA ASP A 1024 28.46 -21.30 -1.45
C ASP A 1024 29.06 -20.20 -2.28
N GLY A 1025 30.33 -19.98 -2.03
CA GLY A 1025 31.08 -18.96 -2.73
C GLY A 1025 30.67 -17.56 -2.35
N MET A 1026 29.83 -17.44 -1.32
CA MET A 1026 29.33 -16.13 -0.87
C MET A 1026 28.60 -15.47 -2.03
N VAL A 1027 27.91 -16.25 -2.84
CA VAL A 1027 27.20 -15.72 -4.00
C VAL A 1027 25.70 -15.84 -3.77
N ALA A 1028 25.00 -14.72 -3.92
CA ALA A 1028 23.55 -14.69 -3.72
C ALA A 1028 22.95 -14.88 -5.07
N PRO A 1029 22.29 -16.01 -5.29
CA PRO A 1029 21.67 -16.26 -6.59
C PRO A 1029 20.49 -15.32 -6.87
N GLU A 1030 20.21 -15.06 -8.14
CA GLU A 1030 19.05 -14.24 -8.47
C GLU A 1030 17.81 -15.14 -8.31
N VAL A 1031 16.69 -14.49 -8.10
CA VAL A 1031 15.45 -15.19 -7.89
C VAL A 1031 14.65 -15.46 -9.16
N CYS A 1032 13.68 -16.32 -9.03
CA CYS A 1032 12.77 -16.69 -10.12
C CYS A 1032 11.65 -15.66 -10.32
N PRO A 1033 11.01 -15.66 -11.50
CA PRO A 1033 9.90 -14.72 -11.74
C PRO A 1033 8.81 -14.91 -10.66
N MET A 1034 8.35 -13.78 -10.15
CA MET A 1034 7.36 -13.63 -9.10
C MET A 1034 7.85 -14.03 -7.72
N GLU A 1035 9.14 -14.30 -7.57
CA GLU A 1035 9.66 -14.63 -6.24
C GLU A 1035 10.39 -13.42 -5.66
N THR A 1036 10.50 -13.45 -4.34
CA THR A 1036 11.18 -12.44 -3.54
C THR A 1036 12.05 -13.20 -2.59
N ALA A 1037 13.31 -12.83 -2.44
CA ALA A 1037 14.22 -13.46 -1.51
C ALA A 1037 15.00 -12.40 -0.77
N ALA A 1038 15.55 -12.75 0.36
CA ALA A 1038 16.37 -11.86 1.13
C ALA A 1038 17.72 -12.49 1.37
N TYR A 1039 18.74 -11.63 1.37
CA TYR A 1039 20.11 -12.11 1.60
C TYR A 1039 20.79 -11.14 2.50
N VAL A 1040 21.66 -11.65 3.36
CA VAL A 1040 22.48 -10.81 4.23
C VAL A 1040 23.96 -11.13 3.95
N SER A 1041 24.74 -10.11 3.60
CA SER A 1041 26.19 -10.27 3.44
C SER A 1041 26.88 -9.76 4.71
N SER A 1042 27.94 -10.47 5.12
CA SER A 1042 28.73 -10.14 6.30
C SER A 1042 30.12 -9.72 5.79
N HIS A 1043 30.69 -8.70 6.42
CA HIS A 1043 31.95 -8.12 5.93
C HIS A 1043 32.88 -7.89 7.06
N SER A 1044 34.13 -8.24 6.83
CA SER A 1044 35.11 -8.08 7.88
C SER A 1044 35.47 -6.60 7.97
#